data_9KRL
#
_entry.id   9KRL
#
_cell.length_a   1.00
_cell.length_b   1.00
_cell.length_c   1.00
_cell.angle_alpha   90.00
_cell.angle_beta   90.00
_cell.angle_gamma   90.00
#
_symmetry.space_group_name_H-M   'P 1'
#
loop_
_entity.id
_entity.type
_entity.pdbx_description
1 polymer 'ATP-binding cassette sub-family C member 4'
2 non-polymer "ADENOSINE-3',5'-CYCLIC-MONOPHOSPHATE"
#
_entity_poly.entity_id   1
_entity_poly.type   'polypeptide(L)'
_entity_poly.pdbx_seq_one_letter_code
;MLPVYQEVKPNPLQDANLCSRVFFWWLNPLFKIGHKRRLEEDDMYSVLPEDRSQHLGEELQGFWDKEVLRAENDAQKPSL
TRAIIKCYWKSYLVLGIFTLIEESAKVIQPIFLGKIINYFENYDPMDSVALNTAYAYATVLTFCTLILAILHHLYFYHVQ
CAGMRLRVAMCHMIYRKALRLSNMAMGKTTTGQIVNLLSNDVNKFDQVTVFLHFLWAGPLQAIAVTALLWMEIGISCLAG
MAVLIILLPLQSCFGKLFSSLRSKTATFTDARIRTMNEVITGIRIIKMYAWEKSFSNLITNLRKKEISKILRSSCLRGMN
LASFFSASKIIVFVTFTTYVLLGSVITASRVFVAVTLYGAVRLTVTLFFPSAIERVSEAIVSIRRIQTFLLLDEISQRNR
QLPSDGKKMVHVQDFTAFWDKASETPTLQGLSFTVRPGELLAVVGPVGAGKSSLLSAVLGELAPSHGLVSVHGRIAYVSQ
QPWVFSGTLRSNILFGKKYEKERYEKVIKACALKKDLQLLEDGDLTVIGDRGTTLSGGQKARVNLARAVYQDADIYLLDD
PLSAVDAEVSRHLFELCICQILHEKITILVTHQLQYLKAASQILILKDGKMVQKGTYTEFLKSGIDFGSLLKKDNEESEQ
PPVPGTPTLRNRTFSESSVWSQQSSRPSLKDGALESQDTENVPVTLSEENRSEGKVGFQAYKNYFRAGAHWIVFIFLILL
NTAAQVAYVLQDWWLSYWANKQSMLNVTVNGGGNVTEKLDLNWYLGIYSGLTVATVLFGIARSLLVFYVLVNSSQTLHNK
MFESILKAPVLFFDRNPIGRILNRFSKDIGHLDDLLPLTFLDFIQTLLQVVGVVSVAVAVIPWIAIPLVPLGIIFIFLRR
YFLETSRDVKRLESTTRSPVFSHLSSSLQGLWTIRAYKAEERCQELFDAHQDLHSEAWFLFLTTSRWFAVRLDAICAMFV
IIVAFGSLILAKTLDAGQVGLALSYALTLMGMFQWCVRQSAEVENMMISVERVIEYTDLEKEAPWEYQKRPPPAWPHEGV
IIFDNVNFMYSPGGPLVLKHLTALIKSQEKVGIVGRTGAGKSSLISALFRLSEPEGKIWIDKILTTEIGLHDLRKKMSII
PQEPVLFTGTMRKNLDPFNEHTDEELWNALQEVQLKETIEDLPGKMDTELAESGSNFSVGQRQLVCLARAILRKNQILII
DEATANVDPRTDELIQKKIREKFAHCTVLTIAHRLNTIIDSDKIMVLDSGRLKEYDEPYVLLQNKESLFYKMVQQLGKAE
AAALTETAKQVYFKRNYPHIGHTDHMVTNTSNGQPSTLTIFETAL
;
_entity_poly.pdbx_strand_id   A
#
# COMPACT_ATOMS: atom_id res chain seq x y z
N VAL A 8 0.87 -39.46 8.40
CA VAL A 8 0.89 -38.01 8.26
C VAL A 8 1.61 -37.64 6.96
N LYS A 9 2.02 -36.37 6.86
CA LYS A 9 2.64 -35.84 5.65
C LYS A 9 4.15 -35.77 5.81
N PRO A 10 4.92 -36.68 5.23
CA PRO A 10 6.39 -36.58 5.33
C PRO A 10 6.93 -35.55 4.35
N ASN A 11 7.88 -34.74 4.82
CA ASN A 11 8.46 -33.74 3.94
C ASN A 11 9.79 -34.23 3.37
N PRO A 12 10.05 -34.05 2.07
CA PRO A 12 11.28 -34.60 1.49
C PRO A 12 12.56 -33.85 1.87
N LEU A 13 12.49 -32.83 2.72
CA LEU A 13 13.71 -32.13 3.11
C LEU A 13 14.74 -33.10 3.65
N GLN A 14 14.33 -33.94 4.60
CA GLN A 14 15.10 -35.12 4.96
C GLN A 14 14.84 -36.22 3.93
N ASP A 15 15.65 -37.27 3.98
CA ASP A 15 15.62 -38.30 2.95
C ASP A 15 16.06 -37.72 1.61
N ALA A 16 17.01 -36.78 1.67
CA ALA A 16 17.45 -36.01 0.51
C ALA A 16 18.98 -36.00 0.49
N ASN A 17 19.56 -36.47 -0.61
CA ASN A 17 21.00 -36.41 -0.79
C ASN A 17 21.44 -34.96 -0.90
N LEU A 18 22.75 -34.76 -0.79
CA LEU A 18 23.34 -33.48 -1.15
C LEU A 18 23.30 -33.30 -2.66
N CYS A 19 23.52 -32.07 -3.10
CA CYS A 19 23.40 -31.70 -4.51
C CYS A 19 21.93 -31.58 -4.91
N SER A 20 21.02 -31.92 -3.99
CA SER A 20 19.61 -31.65 -4.17
C SER A 20 19.10 -30.56 -3.23
N ARG A 21 19.84 -30.26 -2.17
CA ARG A 21 19.54 -29.12 -1.31
C ARG A 21 20.11 -27.82 -1.85
N VAL A 22 21.14 -27.89 -2.68
CA VAL A 22 21.70 -26.69 -3.30
C VAL A 22 20.78 -26.16 -4.39
N PHE A 23 20.16 -27.07 -5.14
CA PHE A 23 19.25 -26.71 -6.22
C PHE A 23 17.79 -26.93 -5.86
N PHE A 24 17.50 -27.44 -4.68
CA PHE A 24 16.13 -27.65 -4.22
C PHE A 24 15.37 -28.59 -5.15
N TRP A 25 16.06 -29.67 -5.57
CA TRP A 25 15.45 -30.63 -6.47
C TRP A 25 14.37 -31.47 -5.79
N TRP A 26 14.25 -31.37 -4.48
CA TRP A 26 13.22 -32.10 -3.73
C TRP A 26 11.87 -31.39 -3.77
N LEU A 27 11.73 -30.33 -4.56
CA LEU A 27 10.55 -29.48 -4.55
C LEU A 27 9.87 -29.42 -5.91
N ASN A 28 10.28 -30.27 -6.84
CA ASN A 28 9.70 -30.19 -8.19
C ASN A 28 8.31 -30.83 -8.26
N PRO A 29 8.08 -32.02 -7.72
CA PRO A 29 6.73 -32.61 -7.79
C PRO A 29 5.62 -31.67 -7.35
N LEU A 30 5.80 -30.96 -6.22
CA LEU A 30 4.75 -30.06 -5.74
C LEU A 30 4.22 -29.18 -6.86
N PHE A 31 5.11 -28.58 -7.64
CA PHE A 31 4.69 -27.70 -8.72
C PHE A 31 3.81 -28.45 -9.71
N LYS A 32 4.27 -29.62 -10.16
CA LYS A 32 3.45 -30.42 -11.06
C LYS A 32 2.06 -30.64 -10.51
N ILE A 33 1.92 -30.65 -9.19
CA ILE A 33 0.61 -30.84 -8.57
C ILE A 33 -0.13 -29.51 -8.46
N GLY A 34 0.58 -28.44 -8.13
CA GLY A 34 -0.03 -27.13 -8.05
C GLY A 34 -0.18 -26.44 -9.39
N HIS A 35 0.18 -27.13 -10.47
CA HIS A 35 0.06 -26.54 -11.80
C HIS A 35 -1.36 -26.62 -12.33
N LYS A 36 -2.12 -27.64 -11.93
CA LYS A 36 -3.47 -27.82 -12.45
C LYS A 36 -4.47 -28.35 -11.41
N ARG A 37 -4.23 -28.10 -10.12
CA ARG A 37 -5.12 -28.63 -9.08
C ARG A 37 -5.51 -27.63 -8.00
N ARG A 38 -4.73 -26.57 -7.77
CA ARG A 38 -5.03 -25.59 -6.73
C ARG A 38 -5.09 -26.25 -5.34
N LEU A 39 -3.94 -26.77 -4.90
CA LEU A 39 -3.81 -27.37 -3.59
C LEU A 39 -4.42 -26.48 -2.51
N GLU A 40 -5.26 -27.08 -1.65
CA GLU A 40 -5.99 -26.30 -0.65
C GLU A 40 -5.26 -26.29 0.70
N GLU A 41 -5.21 -27.44 1.37
CA GLU A 41 -4.49 -27.52 2.64
C GLU A 41 -3.77 -28.83 2.90
N ASP A 42 -4.07 -29.90 2.16
CA ASP A 42 -3.58 -31.24 2.50
C ASP A 42 -2.37 -31.63 1.67
N ASP A 43 -1.74 -30.68 0.99
CA ASP A 43 -0.60 -30.94 0.13
C ASP A 43 0.66 -30.20 0.56
N MET A 44 0.63 -29.57 1.74
CA MET A 44 1.80 -28.92 2.31
C MET A 44 2.34 -29.78 3.44
N TYR A 45 3.66 -30.00 3.42
CA TYR A 45 4.27 -30.98 4.30
C TYR A 45 4.41 -30.44 5.72
N SER A 46 4.62 -31.36 6.65
CA SER A 46 4.79 -31.00 8.06
C SER A 46 6.22 -30.59 8.34
N VAL A 47 6.42 -30.00 9.53
CA VAL A 47 7.73 -29.48 9.89
C VAL A 47 8.57 -30.57 10.54
N LEU A 48 9.88 -30.32 10.61
CA LEU A 48 10.81 -31.23 11.24
C LEU A 48 10.47 -31.37 12.72
N PRO A 49 11.01 -32.38 13.39
CA PRO A 49 10.75 -32.54 14.83
C PRO A 49 11.50 -31.54 15.70
N GLU A 50 12.45 -30.81 15.16
CA GLU A 50 13.22 -29.83 15.92
C GLU A 50 12.76 -28.40 15.67
N ASP A 51 11.56 -28.23 15.12
CA ASP A 51 11.00 -26.90 14.87
C ASP A 51 9.60 -26.79 15.47
N ARG A 52 9.31 -27.57 16.50
CA ARG A 52 8.03 -27.53 17.18
C ARG A 52 8.08 -26.52 18.33
N SER A 53 6.93 -25.90 18.59
CA SER A 53 6.87 -24.91 19.65
C SER A 53 7.17 -25.52 21.01
N GLN A 54 6.73 -26.76 21.25
CA GLN A 54 6.99 -27.41 22.52
C GLN A 54 8.47 -27.74 22.72
N HIS A 55 9.26 -27.65 21.66
CA HIS A 55 10.69 -27.94 21.74
C HIS A 55 11.55 -26.70 21.76
N LEU A 56 11.09 -25.60 21.17
CA LEU A 56 11.83 -24.33 21.16
C LEU A 56 11.48 -23.43 22.33
N GLY A 57 10.40 -23.72 23.05
CA GLY A 57 9.97 -22.87 24.15
C GLY A 57 10.33 -23.40 25.51
N GLU A 58 11.03 -24.54 25.54
CA GLU A 58 11.45 -25.14 26.80
C GLU A 58 12.90 -24.81 27.15
N GLU A 59 13.81 -24.98 26.20
CA GLU A 59 15.21 -24.66 26.45
C GLU A 59 15.39 -23.18 26.75
N LEU A 60 14.69 -22.32 26.01
CA LEU A 60 14.79 -20.88 26.27
C LEU A 60 14.23 -20.55 27.65
N GLN A 61 13.14 -21.20 28.06
CA GLN A 61 12.60 -20.97 29.38
C GLN A 61 13.58 -21.38 30.45
N GLY A 62 14.24 -22.54 30.28
CA GLY A 62 15.24 -22.96 31.24
C GLY A 62 16.40 -22.01 31.33
N PHE A 63 16.90 -21.54 30.18
CA PHE A 63 18.01 -20.59 30.18
C PHE A 63 17.61 -19.28 30.86
N TRP A 64 16.38 -18.82 30.61
CA TRP A 64 15.93 -17.57 31.22
C TRP A 64 15.77 -17.73 32.73
N ASP A 65 15.27 -18.89 33.17
CA ASP A 65 15.18 -19.14 34.60
C ASP A 65 16.57 -19.13 35.24
N LYS A 66 17.52 -19.83 34.61
CA LYS A 66 18.89 -19.84 35.12
C LYS A 66 19.46 -18.42 35.20
N GLU A 67 19.23 -17.62 34.17
CA GLU A 67 19.80 -16.28 34.13
C GLU A 67 19.17 -15.39 35.20
N VAL A 68 17.85 -15.44 35.34
CA VAL A 68 17.19 -14.59 36.34
C VAL A 68 17.62 -15.03 37.74
N LEU A 69 17.83 -16.33 37.94
CA LEU A 69 18.33 -16.80 39.23
C LEU A 69 19.72 -16.24 39.51
N ARG A 70 20.64 -16.42 38.55
CA ARG A 70 22.00 -15.92 38.74
C ARG A 70 22.02 -14.42 38.94
N ALA A 71 21.07 -13.70 38.34
CA ALA A 71 21.05 -12.25 38.48
C ALA A 71 20.51 -11.81 39.84
N GLU A 72 19.30 -12.25 40.18
CA GLU A 72 18.71 -11.88 41.46
C GLU A 72 19.48 -12.46 42.65
N ASN A 73 20.35 -13.45 42.42
CA ASN A 73 21.21 -13.91 43.51
C ASN A 73 22.13 -12.79 43.98
N ASP A 74 22.57 -11.94 43.05
CA ASP A 74 23.41 -10.80 43.37
C ASP A 74 22.62 -9.51 43.22
N ALA A 75 23.19 -8.41 43.70
CA ALA A 75 22.56 -7.10 43.63
C ALA A 75 22.78 -6.54 42.23
N GLN A 76 22.01 -7.06 41.28
CA GLN A 76 22.09 -6.64 39.89
C GLN A 76 20.70 -6.69 39.28
N LYS A 77 20.61 -6.31 38.01
CA LYS A 77 19.36 -6.31 37.28
C LYS A 77 19.37 -7.43 36.26
N PRO A 78 18.34 -8.26 36.19
CA PRO A 78 18.33 -9.36 35.22
C PRO A 78 18.05 -8.88 33.81
N SER A 79 18.67 -9.55 32.83
CA SER A 79 18.50 -9.23 31.43
C SER A 79 18.11 -10.48 30.66
N LEU A 80 17.37 -10.26 29.57
CA LEU A 80 16.95 -11.36 28.69
C LEU A 80 17.83 -11.50 27.46
N THR A 81 18.54 -10.43 27.07
CA THR A 81 19.40 -10.49 25.90
C THR A 81 20.62 -11.37 26.13
N ARG A 82 20.91 -11.75 27.37
CA ARG A 82 21.99 -12.69 27.64
C ARG A 82 21.56 -14.13 27.50
N ALA A 83 20.30 -14.46 27.86
CA ALA A 83 19.81 -15.82 27.71
C ALA A 83 19.60 -16.20 26.26
N ILE A 84 19.38 -15.22 25.38
CA ILE A 84 19.23 -15.51 23.97
C ILE A 84 20.56 -15.93 23.36
N ILE A 85 21.65 -15.24 23.73
CA ILE A 85 22.95 -15.55 23.17
C ILE A 85 23.52 -16.84 23.74
N LYS A 86 23.01 -17.30 24.90
CA LYS A 86 23.49 -18.54 25.47
C LYS A 86 22.99 -19.76 24.70
N CYS A 87 21.96 -19.60 23.87
CA CYS A 87 21.38 -20.71 23.12
C CYS A 87 21.71 -20.69 21.64
N TYR A 88 21.72 -19.52 21.02
CA TYR A 88 21.89 -19.39 19.57
C TYR A 88 23.22 -18.75 19.20
N TRP A 89 24.31 -19.12 19.88
CA TRP A 89 25.61 -18.55 19.55
C TRP A 89 26.39 -19.42 18.56
N LYS A 90 26.28 -20.74 18.67
CA LYS A 90 26.99 -21.61 17.75
C LYS A 90 26.48 -21.43 16.32
N SER A 91 25.18 -21.25 16.16
CA SER A 91 24.61 -21.08 14.83
C SER A 91 25.23 -19.89 14.11
N TYR A 92 25.19 -18.71 14.74
CA TYR A 92 25.77 -17.54 14.09
C TYR A 92 27.29 -17.64 14.00
N LEU A 93 27.93 -18.30 14.96
CA LEU A 93 29.37 -18.52 14.84
C LEU A 93 29.69 -19.29 13.57
N VAL A 94 28.85 -20.28 13.22
CA VAL A 94 29.10 -21.05 12.01
C VAL A 94 28.70 -20.25 10.76
N LEU A 95 27.69 -19.40 10.85
CA LEU A 95 27.29 -18.61 9.69
C LEU A 95 28.29 -17.50 9.39
N GLY A 96 29.01 -17.04 10.40
CA GLY A 96 30.01 -16.02 10.18
C GLY A 96 31.13 -16.49 9.28
N ILE A 97 31.50 -17.77 9.38
CA ILE A 97 32.51 -18.31 8.48
C ILE A 97 32.09 -18.09 7.03
N PHE A 98 30.84 -18.39 6.71
CA PHE A 98 30.41 -18.30 5.32
C PHE A 98 30.21 -16.84 4.89
N THR A 99 29.69 -15.99 5.78
CA THR A 99 29.53 -14.59 5.39
C THR A 99 30.91 -13.95 5.16
N LEU A 100 31.92 -14.40 5.90
CA LEU A 100 33.28 -13.93 5.65
C LEU A 100 33.80 -14.45 4.32
N ILE A 101 33.63 -15.76 4.06
CA ILE A 101 34.08 -16.32 2.79
C ILE A 101 33.39 -15.63 1.62
N GLU A 102 32.17 -15.13 1.83
CA GLU A 102 31.41 -14.50 0.76
C GLU A 102 31.81 -13.04 0.58
N GLU A 103 32.09 -12.33 1.67
CA GLU A 103 32.52 -10.95 1.55
C GLU A 103 33.94 -10.85 0.99
N SER A 104 34.69 -11.94 1.02
CA SER A 104 36.06 -11.95 0.52
C SER A 104 36.15 -12.27 -0.96
N ALA A 105 35.08 -12.78 -1.57
CA ALA A 105 35.10 -13.12 -2.98
C ALA A 105 34.72 -11.94 -3.87
N LYS A 106 34.08 -10.92 -3.32
CA LYS A 106 33.75 -9.72 -4.08
C LYS A 106 34.94 -8.78 -4.23
N VAL A 107 36.00 -8.99 -3.46
CA VAL A 107 37.20 -8.17 -3.56
C VAL A 107 38.25 -8.77 -4.49
N ILE A 108 38.10 -10.04 -4.86
CA ILE A 108 39.09 -10.72 -5.70
C ILE A 108 38.75 -10.66 -7.18
N GLN A 109 37.48 -10.49 -7.53
CA GLN A 109 37.11 -10.39 -8.95
C GLN A 109 37.86 -9.27 -9.66
N PRO A 110 37.91 -8.04 -9.14
CA PRO A 110 38.61 -6.97 -9.87
C PRO A 110 40.11 -7.17 -9.96
N ILE A 111 40.69 -8.00 -9.10
CA ILE A 111 42.13 -8.24 -9.17
C ILE A 111 42.47 -9.11 -10.37
N PHE A 112 41.65 -10.12 -10.63
CA PHE A 112 41.84 -11.00 -11.79
C PHE A 112 41.16 -10.48 -13.04
N LEU A 113 40.33 -9.46 -12.93
CA LEU A 113 39.82 -8.78 -14.11
C LEU A 113 40.91 -7.93 -14.76
N GLY A 114 41.75 -7.28 -13.95
CA GLY A 114 42.84 -6.48 -14.45
C GLY A 114 44.02 -7.26 -14.96
N LYS A 115 43.99 -8.59 -14.87
CA LYS A 115 45.06 -9.43 -15.38
C LYS A 115 44.76 -9.99 -16.76
N ILE A 116 43.50 -9.97 -17.19
CA ILE A 116 43.15 -10.36 -18.55
C ILE A 116 43.41 -9.20 -19.51
N ILE A 117 43.13 -7.98 -19.07
CA ILE A 117 43.33 -6.81 -19.92
C ILE A 117 44.82 -6.58 -20.17
N ASN A 118 45.65 -6.88 -19.16
CA ASN A 118 47.09 -6.72 -19.33
C ASN A 118 47.64 -7.69 -20.37
N TYR A 119 46.91 -8.76 -20.65
CA TYR A 119 47.34 -9.67 -21.73
C TYR A 119 47.11 -9.04 -23.08
N PHE A 120 46.06 -8.23 -23.23
CA PHE A 120 45.84 -7.52 -24.48
C PHE A 120 46.76 -6.32 -24.60
N GLU A 121 47.07 -5.64 -23.49
CA GLU A 121 48.02 -4.54 -23.55
C GLU A 121 49.39 -5.03 -24.02
N ASN A 122 49.79 -6.22 -23.60
CA ASN A 122 51.04 -6.86 -24.02
C ASN A 122 50.66 -8.12 -24.79
N TYR A 123 50.49 -7.97 -26.10
CA TYR A 123 49.99 -9.04 -26.94
C TYR A 123 51.03 -9.44 -27.97
N ASP A 124 51.12 -10.74 -28.24
CA ASP A 124 52.00 -11.28 -29.27
C ASP A 124 51.39 -12.54 -29.86
N PRO A 125 51.04 -12.56 -31.14
CA PRO A 125 50.43 -13.76 -31.71
C PRO A 125 51.30 -15.00 -31.57
N MET A 126 52.58 -14.91 -31.95
CA MET A 126 53.50 -16.04 -31.89
C MET A 126 53.97 -16.26 -30.45
N ASP A 127 53.01 -16.57 -29.58
CA ASP A 127 53.30 -16.83 -28.18
C ASP A 127 52.12 -17.58 -27.59
N SER A 128 52.36 -18.82 -27.15
CA SER A 128 51.31 -19.66 -26.61
C SER A 128 51.51 -20.00 -25.14
N VAL A 129 52.64 -19.65 -24.56
CA VAL A 129 52.86 -19.89 -23.13
C VAL A 129 52.19 -18.83 -22.27
N ALA A 130 51.92 -17.65 -22.82
CA ALA A 130 51.29 -16.57 -22.09
C ALA A 130 49.76 -16.57 -22.21
N LEU A 131 49.20 -17.50 -22.98
CA LEU A 131 47.76 -17.60 -23.15
C LEU A 131 47.13 -18.60 -22.18
N ASN A 132 47.83 -19.69 -21.87
CA ASN A 132 47.33 -20.63 -20.89
C ASN A 132 47.18 -19.98 -19.53
N THR A 133 48.09 -19.08 -19.18
CA THR A 133 47.95 -18.33 -17.94
C THR A 133 46.69 -17.46 -17.97
N ALA A 134 46.35 -16.92 -19.14
CA ALA A 134 45.12 -16.15 -19.26
C ALA A 134 43.90 -17.03 -19.06
N TYR A 135 43.90 -18.23 -19.65
CA TYR A 135 42.80 -19.16 -19.42
C TYR A 135 42.69 -19.52 -17.94
N ALA A 136 43.83 -19.67 -17.27
CA ALA A 136 43.80 -19.94 -15.83
C ALA A 136 43.17 -18.78 -15.07
N TYR A 137 43.60 -17.55 -15.36
CA TYR A 137 43.02 -16.38 -14.71
C TYR A 137 41.51 -16.34 -14.92
N ALA A 138 41.06 -16.61 -16.15
CA ALA A 138 39.63 -16.59 -16.42
C ALA A 138 38.90 -17.71 -15.70
N THR A 139 39.56 -18.86 -15.52
CA THR A 139 38.94 -19.96 -14.79
C THR A 139 38.80 -19.63 -13.32
N VAL A 140 39.75 -18.89 -12.75
CA VAL A 140 39.64 -18.46 -11.36
C VAL A 140 38.53 -17.44 -11.17
N LEU A 141 38.12 -16.76 -12.24
CA LEU A 141 37.09 -15.73 -12.16
C LEU A 141 35.68 -16.30 -12.19
N THR A 142 35.52 -17.59 -12.50
CA THR A 142 34.21 -18.21 -12.58
C THR A 142 33.78 -18.85 -11.27
N PHE A 143 34.71 -19.46 -10.53
CA PHE A 143 34.37 -20.04 -9.24
C PHE A 143 33.78 -19.00 -8.29
N CYS A 144 34.25 -17.76 -8.37
CA CYS A 144 33.70 -16.71 -7.50
C CYS A 144 32.25 -16.43 -7.86
N THR A 145 31.93 -16.35 -9.15
CA THR A 145 30.54 -16.15 -9.56
C THR A 145 29.67 -17.32 -9.12
N LEU A 146 30.18 -18.56 -9.27
CA LEU A 146 29.39 -19.72 -8.87
C LEU A 146 29.17 -19.75 -7.36
N ILE A 147 30.15 -19.26 -6.60
CA ILE A 147 29.98 -19.17 -5.14
C ILE A 147 28.94 -18.13 -4.80
N LEU A 148 28.98 -16.97 -5.45
CA LEU A 148 28.07 -15.88 -5.12
C LEU A 148 26.67 -16.13 -5.66
N ALA A 149 26.52 -17.07 -6.59
CA ALA A 149 25.27 -17.24 -7.31
C ALA A 149 24.48 -18.49 -6.89
N ILE A 150 25.15 -19.51 -6.37
CA ILE A 150 24.54 -20.81 -6.14
C ILE A 150 24.60 -21.20 -4.66
N LEU A 151 25.74 -20.99 -4.02
CA LEU A 151 25.93 -21.38 -2.63
C LEU A 151 25.43 -20.34 -1.64
N HIS A 152 24.87 -19.23 -2.11
CA HIS A 152 24.38 -18.18 -1.23
C HIS A 152 22.97 -18.44 -0.73
N HIS A 153 22.16 -19.16 -1.50
CA HIS A 153 20.74 -19.31 -1.21
C HIS A 153 20.44 -20.29 -0.09
N LEU A 154 21.21 -21.37 0.04
CA LEU A 154 21.10 -22.24 1.20
C LEU A 154 21.44 -21.50 2.49
N TYR A 155 22.54 -20.74 2.46
CA TYR A 155 22.90 -19.91 3.60
C TYR A 155 21.80 -18.90 3.93
N PHE A 156 21.20 -18.31 2.90
CA PHE A 156 20.11 -17.36 3.13
C PHE A 156 18.91 -18.04 3.77
N TYR A 157 18.54 -19.22 3.29
CA TYR A 157 17.43 -19.94 3.88
C TYR A 157 17.71 -20.27 5.34
N HIS A 158 18.95 -20.63 5.66
CA HIS A 158 19.28 -20.97 7.04
C HIS A 158 19.23 -19.74 7.94
N VAL A 159 19.80 -18.62 7.48
CA VAL A 159 19.78 -17.42 8.30
C VAL A 159 18.36 -16.88 8.43
N GLN A 160 17.49 -17.20 7.47
CA GLN A 160 16.08 -16.83 7.61
C GLN A 160 15.37 -17.72 8.62
N CYS A 161 15.65 -19.02 8.59
CA CYS A 161 15.05 -19.94 9.54
C CYS A 161 15.54 -19.69 10.95
N ALA A 162 16.71 -19.09 11.12
CA ALA A 162 17.22 -18.82 12.46
C ALA A 162 16.39 -17.80 13.23
N GLY A 163 15.46 -17.10 12.57
CA GLY A 163 14.66 -16.10 13.24
C GLY A 163 13.28 -16.59 13.64
N MET A 164 12.68 -17.43 12.80
CA MET A 164 11.39 -18.01 13.13
C MET A 164 11.47 -18.84 14.40
N ARG A 165 12.62 -19.45 14.68
CA ARG A 165 12.78 -20.22 15.90
C ARG A 165 12.63 -19.33 17.12
N LEU A 166 13.29 -18.18 17.13
CA LEU A 166 13.13 -17.24 18.23
C LEU A 166 11.71 -16.72 18.32
N ARG A 167 11.12 -16.39 17.17
CA ARG A 167 9.75 -15.86 17.17
C ARG A 167 8.77 -16.88 17.74
N VAL A 168 9.01 -18.16 17.48
CA VAL A 168 8.12 -19.20 17.98
C VAL A 168 8.41 -19.52 19.44
N ALA A 169 9.66 -19.34 19.88
CA ALA A 169 9.99 -19.59 21.27
C ALA A 169 9.44 -18.50 22.18
N MET A 170 9.35 -17.27 21.70
CA MET A 170 8.89 -16.17 22.56
C MET A 170 7.40 -16.27 22.82
N CYS A 171 6.60 -16.60 21.80
CA CYS A 171 5.15 -16.62 21.96
C CYS A 171 4.71 -17.70 22.96
N HIS A 172 5.38 -18.85 22.93
CA HIS A 172 5.02 -19.93 23.84
C HIS A 172 5.14 -19.49 25.29
N MET A 173 6.28 -18.91 25.65
CA MET A 173 6.49 -18.46 27.02
C MET A 173 5.60 -17.27 27.35
N ILE A 174 5.34 -16.39 26.38
CA ILE A 174 4.42 -15.28 26.63
C ILE A 174 3.05 -15.80 27.02
N TYR A 175 2.56 -16.81 26.31
CA TYR A 175 1.26 -17.38 26.64
C TYR A 175 1.29 -18.10 27.97
N ARG A 176 2.36 -18.86 28.22
CA ARG A 176 2.50 -19.54 29.50
C ARG A 176 2.44 -18.56 30.65
N LYS A 177 3.00 -17.35 30.46
CA LYS A 177 2.93 -16.34 31.50
C LYS A 177 1.53 -15.72 31.59
N ALA A 178 0.94 -15.38 30.44
CA ALA A 178 -0.39 -14.78 30.44
C ALA A 178 -1.41 -15.68 31.11
N LEU A 179 -1.18 -16.99 31.09
CA LEU A 179 -2.05 -17.91 31.80
C LEU A 179 -1.78 -17.94 33.30
N ARG A 180 -0.99 -17.00 33.83
CA ARG A 180 -0.68 -16.95 35.25
C ARG A 180 -0.89 -15.57 35.86
N LEU A 181 -1.47 -14.63 35.12
CA LEU A 181 -1.66 -13.28 35.63
C LEU A 181 -2.68 -13.29 36.76
N SER A 182 -2.43 -12.45 37.76
CA SER A 182 -3.32 -12.30 38.90
C SER A 182 -4.34 -11.20 38.61
N ASN A 183 -5.27 -11.03 39.55
CA ASN A 183 -6.34 -10.06 39.36
C ASN A 183 -5.80 -8.64 39.30
N MET A 184 -4.92 -8.29 40.25
CA MET A 184 -4.37 -6.94 40.27
C MET A 184 -3.41 -6.72 39.10
N ALA A 185 -2.67 -7.74 38.71
CA ALA A 185 -1.68 -7.56 37.64
C ALA A 185 -2.33 -7.48 36.28
N MET A 186 -3.43 -8.19 36.06
CA MET A 186 -4.10 -8.13 34.77
C MET A 186 -4.96 -6.87 34.61
N GLY A 187 -5.28 -6.20 35.72
CA GLY A 187 -5.98 -4.93 35.62
C GLY A 187 -5.15 -3.83 34.99
N LYS A 188 -3.84 -4.04 34.86
CA LYS A 188 -2.98 -3.06 34.20
C LYS A 188 -3.04 -3.21 32.68
N THR A 189 -2.69 -4.39 32.19
CA THR A 189 -2.65 -4.67 30.76
C THR A 189 -3.91 -5.42 30.34
N THR A 190 -4.54 -4.97 29.26
CA THR A 190 -5.76 -5.57 28.75
C THR A 190 -5.44 -6.42 27.52
N THR A 191 -6.50 -6.91 26.87
CA THR A 191 -6.34 -7.77 25.70
C THR A 191 -5.49 -7.11 24.63
N GLY A 192 -5.65 -5.80 24.43
CA GLY A 192 -4.99 -5.09 23.35
C GLY A 192 -3.48 -5.22 23.39
N GLN A 193 -2.88 -4.91 24.53
CA GLN A 193 -1.42 -4.97 24.62
C GLN A 193 -0.91 -6.40 24.49
N ILE A 194 -1.64 -7.36 25.05
CA ILE A 194 -1.16 -8.74 25.03
C ILE A 194 -1.23 -9.31 23.62
N VAL A 195 -2.23 -8.90 22.83
CA VAL A 195 -2.29 -9.35 21.45
C VAL A 195 -1.31 -8.55 20.59
N ASN A 196 -1.02 -7.31 20.97
CA ASN A 196 -0.05 -6.51 20.22
C ASN A 196 1.36 -7.07 20.39
N LEU A 197 1.66 -7.59 21.58
CA LEU A 197 2.98 -8.19 21.81
C LEU A 197 3.27 -9.29 20.81
N LEU A 198 2.24 -9.97 20.31
CA LEU A 198 2.44 -11.07 19.37
C LEU A 198 2.16 -10.68 17.92
N SER A 199 1.32 -9.67 17.68
CA SER A 199 0.96 -9.32 16.31
C SER A 199 1.93 -8.31 15.69
N ASN A 200 2.69 -7.57 16.50
CA ASN A 200 3.56 -6.53 15.98
C ASN A 200 4.99 -6.56 16.51
N ASP A 201 5.23 -7.10 17.71
CA ASP A 201 6.57 -7.05 18.28
C ASP A 201 7.43 -8.22 17.80
N VAL A 202 6.98 -9.45 18.07
CA VAL A 202 7.75 -10.63 17.71
C VAL A 202 8.01 -10.71 16.21
N ASN A 203 7.18 -10.05 15.40
CA ASN A 203 7.34 -10.09 13.95
C ASN A 203 8.54 -9.31 13.46
N LYS A 204 9.34 -8.74 14.35
CA LYS A 204 10.53 -7.99 13.98
C LYS A 204 11.80 -8.81 14.06
N PHE A 205 11.75 -10.01 14.67
CA PHE A 205 12.91 -10.86 14.78
C PHE A 205 13.24 -11.59 13.49
N ASP A 206 12.37 -11.53 12.48
CA ASP A 206 12.63 -12.24 11.24
C ASP A 206 13.65 -11.53 10.36
N GLN A 207 13.74 -10.20 10.47
CA GLN A 207 14.63 -9.41 9.62
C GLN A 207 15.96 -9.07 10.29
N VAL A 208 16.07 -9.23 11.61
CA VAL A 208 17.30 -8.87 12.30
C VAL A 208 18.45 -9.74 11.83
N THR A 209 18.24 -11.06 11.83
CA THR A 209 19.31 -11.99 11.47
C THR A 209 19.86 -11.73 10.08
N VAL A 210 19.08 -11.08 9.20
CA VAL A 210 19.58 -10.78 7.86
C VAL A 210 20.50 -9.57 7.90
N PHE A 211 20.22 -8.61 8.77
CA PHE A 211 20.99 -7.37 8.88
C PHE A 211 21.80 -7.30 10.16
N LEU A 212 22.40 -8.42 10.59
CA LEU A 212 23.19 -8.46 11.80
C LEU A 212 24.68 -8.61 11.54
N HIS A 213 25.07 -8.94 10.31
CA HIS A 213 26.47 -9.17 9.99
C HIS A 213 27.12 -8.00 9.27
N PHE A 214 26.34 -7.04 8.78
CA PHE A 214 26.90 -5.86 8.14
C PHE A 214 27.64 -4.96 9.11
N LEU A 215 27.21 -4.92 10.37
CA LEU A 215 27.81 -4.02 11.35
C LEU A 215 29.32 -4.18 11.42
N TRP A 216 29.84 -5.38 11.16
CA TRP A 216 31.27 -5.62 11.14
C TRP A 216 31.83 -5.96 9.77
N ALA A 217 30.97 -6.14 8.76
CA ALA A 217 31.42 -6.49 7.42
C ALA A 217 31.43 -5.30 6.47
N GLY A 218 30.88 -4.16 6.87
CA GLY A 218 30.92 -2.96 6.06
C GLY A 218 32.26 -2.24 6.16
N PRO A 219 32.63 -1.89 7.39
CA PRO A 219 33.93 -1.20 7.58
C PRO A 219 35.12 -1.97 7.05
N LEU A 220 35.18 -3.28 7.30
CA LEU A 220 36.29 -4.07 6.76
C LEU A 220 36.33 -4.00 5.25
N GLN A 221 35.17 -4.13 4.60
CA GLN A 221 35.13 -4.07 3.16
C GLN A 221 35.61 -2.72 2.65
N ALA A 222 35.16 -1.63 3.28
CA ALA A 222 35.58 -0.30 2.86
C ALA A 222 37.09 -0.11 3.01
N ILE A 223 37.64 -0.56 4.14
CA ILE A 223 39.07 -0.40 4.38
C ILE A 223 39.87 -1.20 3.35
N ALA A 224 39.45 -2.45 3.10
CA ALA A 224 40.14 -3.26 2.10
C ALA A 224 40.08 -2.62 0.73
N VAL A 225 38.91 -2.06 0.37
CA VAL A 225 38.74 -1.47 -0.94
C VAL A 225 39.66 -0.25 -1.11
N THR A 226 39.70 0.61 -0.10
CA THR A 226 40.56 1.79 -0.21
C THR A 226 42.03 1.40 -0.23
N ALA A 227 42.41 0.39 0.55
CA ALA A 227 43.79 -0.07 0.53
C ALA A 227 44.17 -0.65 -0.83
N LEU A 228 43.26 -1.36 -1.48
CA LEU A 228 43.54 -1.85 -2.82
C LEU A 228 43.60 -0.70 -3.83
N LEU A 229 42.75 0.31 -3.67
CA LEU A 229 42.78 1.46 -4.57
C LEU A 229 44.09 2.22 -4.46
N TRP A 230 44.66 2.31 -3.26
CA TRP A 230 45.89 3.06 -3.09
C TRP A 230 47.02 2.52 -3.96
N MET A 231 47.08 1.19 -4.13
CA MET A 231 48.15 0.57 -4.89
C MET A 231 48.02 0.77 -6.39
N GLU A 232 46.85 1.20 -6.87
CA GLU A 232 46.60 1.30 -8.31
C GLU A 232 46.77 2.72 -8.82
N ILE A 233 46.05 3.68 -8.25
CA ILE A 233 46.06 5.06 -8.72
C ILE A 233 46.80 5.98 -7.75
N GLY A 234 46.54 5.84 -6.45
CA GLY A 234 47.27 6.56 -5.43
C GLY A 234 46.36 7.43 -4.59
N ILE A 235 46.87 8.60 -4.19
CA ILE A 235 46.15 9.48 -3.27
C ILE A 235 44.80 9.90 -3.85
N SER A 236 44.70 9.95 -5.18
CA SER A 236 43.46 10.40 -5.81
C SER A 236 42.25 9.62 -5.31
N CYS A 237 42.45 8.40 -4.81
CA CYS A 237 41.34 7.61 -4.31
C CYS A 237 40.53 8.36 -3.28
N LEU A 238 41.19 9.18 -2.44
CA LEU A 238 40.47 9.91 -1.41
C LEU A 238 39.40 10.80 -2.02
N ALA A 239 39.69 11.42 -3.17
CA ALA A 239 38.72 12.30 -3.81
C ALA A 239 37.43 11.58 -4.15
N GLY A 240 37.41 10.25 -4.10
CA GLY A 240 36.22 9.49 -4.39
C GLY A 240 35.54 8.96 -3.14
N MET A 241 36.28 8.90 -2.04
CA MET A 241 35.71 8.47 -0.77
C MET A 241 35.10 9.62 0.02
N ALA A 242 35.42 10.86 -0.33
CA ALA A 242 34.79 12.01 0.31
C ALA A 242 33.38 12.20 -0.21
N VAL A 243 33.20 12.17 -1.53
CA VAL A 243 31.88 12.32 -2.13
C VAL A 243 30.94 11.20 -1.69
N LEU A 244 31.48 10.10 -1.19
CA LEU A 244 30.66 8.95 -0.84
C LEU A 244 30.20 8.95 0.61
N ILE A 245 30.70 9.88 1.43
CA ILE A 245 30.33 9.95 2.84
C ILE A 245 29.40 11.12 3.05
N ILE A 246 29.50 12.14 2.19
CA ILE A 246 28.62 13.30 2.30
C ILE A 246 27.16 12.91 2.07
N LEU A 247 26.93 11.79 1.38
CA LEU A 247 25.57 11.41 1.03
C LEU A 247 24.72 11.09 2.25
N LEU A 248 25.29 10.49 3.30
CA LEU A 248 24.49 10.17 4.48
C LEU A 248 24.02 11.43 5.17
N PRO A 249 24.89 12.41 5.49
CA PRO A 249 24.38 13.68 6.01
C PRO A 249 23.42 14.39 5.08
N LEU A 250 23.63 14.32 3.77
CA LEU A 250 22.75 15.03 2.86
C LEU A 250 21.42 14.32 2.64
N GLN A 251 21.32 13.05 3.03
CA GLN A 251 20.07 12.31 2.85
C GLN A 251 19.27 12.20 4.16
N SER A 252 19.92 12.31 5.32
CA SER A 252 19.18 12.28 6.57
C SER A 252 18.30 13.51 6.76
N CYS A 253 18.85 14.69 6.47
CA CYS A 253 18.13 15.93 6.66
C CYS A 253 16.87 15.98 5.80
N PHE A 254 16.98 15.55 4.55
CA PHE A 254 15.83 15.61 3.66
C PHE A 254 14.74 14.64 4.07
N GLY A 255 15.11 13.48 4.62
CA GLY A 255 14.10 12.59 5.18
C GLY A 255 13.40 13.21 6.38
N LYS A 256 14.19 13.82 7.27
CA LYS A 256 13.60 14.54 8.39
C LYS A 256 12.64 15.62 7.92
N LEU A 257 12.93 16.28 6.80
CA LEU A 257 12.05 17.29 6.23
C LEU A 257 10.81 16.68 5.59
N PHE A 258 10.95 15.51 4.97
CA PHE A 258 9.85 14.85 4.26
C PHE A 258 8.79 14.33 5.24
N SER A 259 9.25 13.82 6.39
CA SER A 259 8.31 13.31 7.39
C SER A 259 7.31 14.39 7.79
N SER A 260 7.76 15.65 7.85
CA SER A 260 6.87 16.74 8.23
C SER A 260 5.75 16.92 7.23
N LEU A 261 6.09 16.99 5.94
CA LEU A 261 5.08 17.09 4.88
C LEU A 261 4.07 15.97 5.00
N ARG A 262 4.55 14.74 5.17
CA ARG A 262 3.64 13.60 5.29
C ARG A 262 2.69 13.76 6.47
N SER A 263 3.24 14.12 7.64
CA SER A 263 2.44 14.28 8.84
C SER A 263 1.37 15.34 8.65
N LYS A 264 1.71 16.42 7.94
CA LYS A 264 0.77 17.52 7.82
C LYS A 264 -0.28 17.25 6.76
N THR A 265 0.01 16.38 5.79
CA THR A 265 -1.03 16.03 4.81
C THR A 265 -1.98 14.97 5.35
N ALA A 266 -1.50 14.11 6.26
CA ALA A 266 -2.40 13.15 6.88
C ALA A 266 -3.61 13.84 7.51
N THR A 267 -3.41 15.04 8.05
CA THR A 267 -4.50 15.78 8.67
C THR A 267 -5.56 16.16 7.65
N PHE A 268 -5.16 16.77 6.53
CA PHE A 268 -6.08 17.10 5.47
C PHE A 268 -6.78 15.87 4.90
N THR A 269 -6.16 14.70 4.98
CA THR A 269 -6.79 13.48 4.49
C THR A 269 -7.89 12.97 5.44
N ASP A 270 -7.59 12.94 6.73
CA ASP A 270 -8.52 12.35 7.70
C ASP A 270 -9.85 13.08 7.72
N ALA A 271 -9.81 14.41 7.66
CA ALA A 271 -11.03 15.19 7.68
C ALA A 271 -11.91 14.88 6.48
N ARG A 272 -11.29 14.75 5.30
CA ARG A 272 -12.04 14.40 4.10
C ARG A 272 -12.68 13.03 4.26
N ILE A 273 -11.93 12.08 4.82
CA ILE A 273 -12.48 10.74 5.01
C ILE A 273 -13.70 10.79 5.93
N ARG A 274 -13.60 11.57 7.01
CA ARG A 274 -14.71 11.68 7.96
C ARG A 274 -15.93 12.31 7.30
N THR A 275 -15.72 13.37 6.52
CA THR A 275 -16.83 14.02 5.84
C THR A 275 -17.51 13.07 4.88
N MET A 276 -16.71 12.30 4.12
CA MET A 276 -17.29 11.32 3.21
C MET A 276 -18.10 10.29 3.99
N ASN A 277 -17.58 9.82 5.12
CA ASN A 277 -18.30 8.84 5.92
C ASN A 277 -19.64 9.39 6.36
N GLU A 278 -19.67 10.60 6.93
CA GLU A 278 -20.93 11.13 7.41
C GLU A 278 -21.86 11.54 6.28
N VAL A 279 -21.32 11.73 5.07
CA VAL A 279 -22.16 11.96 3.90
C VAL A 279 -22.82 10.68 3.41
N ILE A 280 -22.12 9.55 3.43
CA ILE A 280 -22.70 8.30 2.94
C ILE A 280 -23.82 7.79 3.83
N THR A 281 -23.82 8.14 5.11
CA THR A 281 -24.87 7.74 6.05
C THR A 281 -25.84 8.91 6.17
N GLY A 282 -26.97 8.80 5.47
CA GLY A 282 -27.97 9.86 5.48
C GLY A 282 -28.30 10.36 4.09
N ILE A 283 -28.06 9.53 3.08
CA ILE A 283 -28.35 9.93 1.70
C ILE A 283 -29.85 10.13 1.51
N ARG A 284 -30.67 9.33 2.18
CA ARG A 284 -32.12 9.46 2.03
C ARG A 284 -32.61 10.82 2.49
N ILE A 285 -31.82 11.55 3.26
CA ILE A 285 -32.19 12.89 3.71
C ILE A 285 -31.58 13.97 2.83
N ILE A 286 -30.32 13.80 2.43
CA ILE A 286 -29.69 14.78 1.55
C ILE A 286 -30.37 14.80 0.19
N LYS A 287 -30.50 13.63 -0.43
CA LYS A 287 -31.17 13.53 -1.72
C LYS A 287 -32.59 14.08 -1.68
N MET A 288 -33.20 14.14 -0.51
CA MET A 288 -34.57 14.63 -0.36
C MET A 288 -34.63 16.11 -0.05
N TYR A 289 -33.61 16.66 0.60
CA TYR A 289 -33.54 18.08 0.90
C TYR A 289 -32.77 18.88 -0.15
N ALA A 290 -32.14 18.20 -1.12
CA ALA A 290 -31.38 18.87 -2.17
C ALA A 290 -30.20 19.65 -1.60
N TRP A 291 -29.30 18.93 -0.95
CA TRP A 291 -28.14 19.50 -0.26
C TRP A 291 -26.85 18.83 -0.71
N GLU A 292 -26.66 18.72 -2.04
CA GLU A 292 -25.50 18.02 -2.57
C GLU A 292 -24.30 18.94 -2.82
N LYS A 293 -24.54 20.13 -3.38
CA LYS A 293 -23.44 21.01 -3.76
C LYS A 293 -22.58 21.40 -2.55
N SER A 294 -23.19 21.51 -1.38
CA SER A 294 -22.44 21.84 -0.18
C SER A 294 -21.33 20.82 0.05
N PHE A 295 -21.70 19.53 0.13
CA PHE A 295 -20.70 18.49 0.34
C PHE A 295 -19.75 18.40 -0.84
N SER A 296 -20.26 18.65 -2.05
CA SER A 296 -19.38 18.67 -3.21
C SER A 296 -18.22 19.63 -3.01
N ASN A 297 -18.51 20.88 -2.66
CA ASN A 297 -17.46 21.86 -2.45
C ASN A 297 -16.60 21.52 -1.24
N LEU A 298 -17.23 21.03 -0.17
CA LEU A 298 -16.48 20.68 1.03
C LEU A 298 -15.45 19.60 0.75
N ILE A 299 -15.75 18.69 -0.18
CA ILE A 299 -14.79 17.65 -0.53
C ILE A 299 -13.77 18.17 -1.55
N THR A 300 -14.22 19.02 -2.47
CA THR A 300 -13.31 19.57 -3.48
C THR A 300 -12.16 20.33 -2.84
N ASN A 301 -12.48 21.20 -1.88
CA ASN A 301 -11.42 22.00 -1.25
C ASN A 301 -10.38 21.11 -0.58
N LEU A 302 -10.84 20.14 0.21
CA LEU A 302 -9.92 19.26 0.92
C LEU A 302 -9.06 18.46 -0.05
N ARG A 303 -9.66 17.94 -1.12
CA ARG A 303 -8.88 17.18 -2.08
C ARG A 303 -7.84 18.06 -2.77
N LYS A 304 -8.20 19.31 -3.08
CA LYS A 304 -7.24 20.22 -3.68
C LYS A 304 -6.06 20.45 -2.76
N LYS A 305 -6.32 20.71 -1.48
CA LYS A 305 -5.22 20.91 -0.53
C LYS A 305 -4.35 19.65 -0.43
N GLU A 306 -4.99 18.48 -0.37
CA GLU A 306 -4.24 17.24 -0.25
C GLU A 306 -3.31 17.05 -1.45
N ILE A 307 -3.81 17.33 -2.66
CA ILE A 307 -2.97 17.17 -3.85
C ILE A 307 -1.82 18.17 -3.83
N SER A 308 -2.12 19.42 -3.46
CA SER A 308 -1.07 20.43 -3.42
C SER A 308 0.03 20.04 -2.45
N LYS A 309 -0.33 19.37 -1.35
CA LYS A 309 0.68 18.96 -0.39
C LYS A 309 1.38 17.67 -0.80
N ILE A 310 0.73 16.85 -1.62
CA ILE A 310 1.36 15.59 -2.04
C ILE A 310 2.37 15.82 -3.15
N LEU A 311 2.15 16.84 -3.98
CA LEU A 311 3.07 17.07 -5.10
C LEU A 311 4.51 17.27 -4.61
N ARG A 312 4.71 18.05 -3.55
CA ARG A 312 6.05 18.35 -3.09
C ARG A 312 6.75 17.11 -2.54
N SER A 313 6.03 16.30 -1.76
CA SER A 313 6.60 15.06 -1.25
C SER A 313 7.00 14.13 -2.38
N SER A 314 6.12 14.00 -3.39
CA SER A 314 6.46 13.15 -4.53
C SER A 314 7.70 13.69 -5.25
N CYS A 315 7.81 15.00 -5.37
CA CYS A 315 8.98 15.59 -6.02
C CYS A 315 10.26 15.26 -5.24
N LEU A 316 10.20 15.37 -3.91
CA LEU A 316 11.36 15.01 -3.10
C LEU A 316 11.77 13.56 -3.34
N ARG A 317 10.80 12.66 -3.36
CA ARG A 317 11.10 11.24 -3.60
C ARG A 317 11.75 11.05 -4.98
N GLY A 318 11.22 11.72 -6.00
CA GLY A 318 11.78 11.59 -7.32
C GLY A 318 13.21 12.10 -7.39
N MET A 319 13.49 13.22 -6.72
CA MET A 319 14.85 13.74 -6.68
C MET A 319 15.78 12.75 -6.00
N ASN A 320 15.32 12.10 -4.93
CA ASN A 320 16.14 11.11 -4.26
C ASN A 320 16.46 9.94 -5.19
N LEU A 321 15.45 9.46 -5.93
CA LEU A 321 15.70 8.37 -6.86
C LEU A 321 16.71 8.77 -7.92
N ALA A 322 16.56 9.98 -8.48
CA ALA A 322 17.52 10.44 -9.47
C ALA A 322 18.92 10.51 -8.88
N SER A 323 19.05 10.98 -7.64
CA SER A 323 20.36 10.99 -6.99
C SER A 323 20.93 9.58 -6.87
N PHE A 324 20.09 8.60 -6.55
CA PHE A 324 20.57 7.22 -6.49
C PHE A 324 20.98 6.71 -7.86
N PHE A 325 20.39 7.26 -8.92
CA PHE A 325 20.67 6.76 -10.26
C PHE A 325 22.04 7.21 -10.77
N SER A 326 22.41 8.45 -10.47
CA SER A 326 23.60 9.05 -11.07
C SER A 326 24.63 9.50 -10.03
N ALA A 327 24.89 8.64 -9.04
CA ALA A 327 25.93 8.92 -8.07
C ALA A 327 27.24 8.21 -8.38
N SER A 328 27.22 7.18 -9.23
CA SER A 328 28.42 6.46 -9.61
C SER A 328 29.23 7.18 -10.68
N LYS A 329 28.77 8.34 -11.14
CA LYS A 329 29.51 9.08 -12.16
C LYS A 329 30.33 10.21 -11.58
N ILE A 330 29.83 10.90 -10.57
CA ILE A 330 30.55 12.01 -9.95
C ILE A 330 31.86 11.53 -9.33
N ILE A 331 31.81 10.39 -8.64
CA ILE A 331 33.00 9.86 -7.98
C ILE A 331 34.10 9.62 -9.01
N VAL A 332 33.76 8.87 -10.06
CA VAL A 332 34.74 8.53 -11.10
C VAL A 332 35.26 9.80 -11.76
N PHE A 333 34.35 10.71 -12.15
CA PHE A 333 34.77 11.95 -12.79
C PHE A 333 35.80 12.67 -11.94
N VAL A 334 35.49 12.90 -10.66
CA VAL A 334 36.37 13.67 -9.79
C VAL A 334 37.71 12.96 -9.64
N THR A 335 37.68 11.68 -9.25
CA THR A 335 38.93 10.99 -8.96
C THR A 335 39.83 10.93 -10.19
N PHE A 336 39.25 10.75 -11.38
CA PHE A 336 40.08 10.59 -12.55
C PHE A 336 40.55 11.92 -13.13
N THR A 337 39.74 12.98 -13.05
CA THR A 337 40.28 14.28 -13.43
C THR A 337 41.41 14.70 -12.51
N THR A 338 41.31 14.37 -11.21
CA THR A 338 42.42 14.65 -10.31
C THR A 338 43.65 13.82 -10.66
N TYR A 339 43.46 12.50 -10.85
CA TYR A 339 44.57 11.63 -11.20
C TYR A 339 45.26 12.09 -12.48
N VAL A 340 44.50 12.68 -13.41
CA VAL A 340 45.10 13.13 -14.66
C VAL A 340 45.76 14.49 -14.51
N LEU A 341 45.22 15.37 -13.66
CA LEU A 341 45.82 16.68 -13.49
C LEU A 341 47.10 16.62 -12.67
N LEU A 342 47.21 15.64 -11.76
CA LEU A 342 48.45 15.55 -10.99
C LEU A 342 49.66 15.31 -11.87
N GLY A 343 49.48 14.66 -13.01
CA GLY A 343 50.56 14.47 -13.96
C GLY A 343 50.71 13.06 -14.49
N SER A 344 49.77 12.19 -14.16
CA SER A 344 49.84 10.79 -14.55
C SER A 344 49.20 10.56 -15.91
N VAL A 345 49.45 9.37 -16.46
CA VAL A 345 48.90 8.95 -17.74
C VAL A 345 47.85 7.88 -17.49
N ILE A 346 46.93 7.75 -18.43
CA ILE A 346 45.74 6.93 -18.24
C ILE A 346 45.89 5.61 -18.99
N THR A 347 45.48 4.52 -18.35
CA THR A 347 45.46 3.20 -18.95
C THR A 347 44.11 2.56 -18.68
N ALA A 348 43.87 1.41 -19.31
CA ALA A 348 42.58 0.72 -19.20
C ALA A 348 42.58 -0.37 -18.13
N SER A 349 43.74 -0.75 -17.60
CA SER A 349 43.81 -1.74 -16.55
C SER A 349 43.59 -1.17 -15.16
N ARG A 350 43.63 0.15 -15.02
CA ARG A 350 43.40 0.82 -13.74
C ARG A 350 42.02 1.47 -13.65
N VAL A 351 41.38 1.73 -14.79
CA VAL A 351 40.11 2.45 -14.79
C VAL A 351 38.98 1.54 -14.32
N PHE A 352 38.80 0.41 -15.00
CA PHE A 352 37.62 -0.41 -14.78
C PHE A 352 37.74 -1.23 -13.51
N VAL A 353 38.97 -1.53 -13.07
CA VAL A 353 39.16 -2.12 -11.75
C VAL A 353 38.57 -1.21 -10.68
N ALA A 354 38.90 0.08 -10.74
CA ALA A 354 38.38 1.03 -9.76
C ALA A 354 36.88 1.22 -9.91
N VAL A 355 36.39 1.28 -11.15
CA VAL A 355 34.95 1.31 -11.38
C VAL A 355 34.27 0.19 -10.63
N THR A 356 34.80 -1.04 -10.75
CA THR A 356 34.17 -2.18 -10.09
C THR A 356 34.28 -2.09 -8.58
N LEU A 357 35.45 -1.69 -8.07
CA LEU A 357 35.60 -1.54 -6.61
C LEU A 357 34.54 -0.59 -6.06
N TYR A 358 34.40 0.58 -6.67
CA TYR A 358 33.38 1.53 -6.24
C TYR A 358 31.99 0.90 -6.31
N GLY A 359 31.58 0.47 -7.50
CA GLY A 359 30.26 -0.10 -7.66
C GLY A 359 29.96 -1.21 -6.69
N ALA A 360 31.00 -1.88 -6.18
CA ALA A 360 30.80 -2.95 -5.20
C ALA A 360 30.67 -2.42 -3.79
N VAL A 361 31.43 -1.41 -3.40
CA VAL A 361 31.42 -0.94 -2.02
C VAL A 361 30.29 0.05 -1.77
N ARG A 362 30.16 1.09 -2.60
CA ARG A 362 29.30 2.21 -2.25
C ARG A 362 27.85 1.76 -2.08
N LEU A 363 27.33 1.03 -3.06
CA LEU A 363 25.93 0.62 -3.03
C LEU A 363 25.64 -0.13 -1.73
N THR A 364 26.27 -1.29 -1.57
CA THR A 364 25.95 -2.15 -0.43
C THR A 364 26.13 -1.40 0.89
N VAL A 365 27.24 -0.68 1.06
CA VAL A 365 27.50 -0.08 2.36
C VAL A 365 26.47 1.02 2.64
N THR A 366 26.38 2.01 1.76
CA THR A 366 25.51 3.14 2.05
C THR A 366 24.03 2.77 2.01
N LEU A 367 23.67 1.59 1.52
CA LEU A 367 22.29 1.17 1.46
C LEU A 367 21.91 0.12 2.49
N PHE A 368 22.89 -0.53 3.13
CA PHE A 368 22.58 -1.59 4.09
C PHE A 368 23.14 -1.32 5.48
N PHE A 369 24.07 -0.40 5.66
CA PHE A 369 24.59 -0.12 7.00
C PHE A 369 23.56 0.67 7.81
N PRO A 370 22.88 1.66 7.22
CA PRO A 370 21.89 2.40 8.01
C PRO A 370 20.68 1.57 8.41
N SER A 371 20.18 0.69 7.53
CA SER A 371 19.00 -0.09 7.86
C SER A 371 19.26 -1.01 9.04
N ALA A 372 20.45 -1.60 9.12
CA ALA A 372 20.77 -2.52 10.20
C ALA A 372 20.61 -1.87 11.55
N ILE A 373 20.99 -0.59 11.67
CA ILE A 373 20.94 0.09 12.95
C ILE A 373 19.49 0.26 13.41
N GLU A 374 18.61 0.68 12.49
CA GLU A 374 17.20 0.80 12.82
C GLU A 374 16.62 -0.55 13.21
N ARG A 375 16.96 -1.60 12.46
CA ARG A 375 16.46 -2.93 12.78
C ARG A 375 16.87 -3.33 14.20
N VAL A 376 18.15 -3.18 14.52
CA VAL A 376 18.65 -3.57 15.84
C VAL A 376 17.99 -2.75 16.93
N SER A 377 17.79 -1.45 16.69
CA SER A 377 17.16 -0.60 17.70
C SER A 377 15.74 -1.06 17.98
N GLU A 378 14.95 -1.28 16.93
CA GLU A 378 13.58 -1.75 17.12
C GLU A 378 13.55 -3.10 17.83
N ALA A 379 14.46 -3.99 17.46
CA ALA A 379 14.50 -5.31 18.10
C ALA A 379 14.81 -5.18 19.58
N ILE A 380 15.75 -4.31 19.94
CA ILE A 380 16.10 -4.14 21.35
C ILE A 380 14.93 -3.53 22.12
N VAL A 381 14.22 -2.59 21.50
CA VAL A 381 13.04 -2.01 22.15
C VAL A 381 12.00 -3.08 22.43
N SER A 382 11.72 -3.92 21.42
CA SER A 382 10.74 -4.99 21.61
C SER A 382 11.19 -5.97 22.69
N ILE A 383 12.48 -6.29 22.71
CA ILE A 383 13.00 -7.19 23.74
C ILE A 383 12.81 -6.59 25.12
N ARG A 384 13.04 -5.28 25.25
CA ARG A 384 12.84 -4.64 26.55
C ARG A 384 11.38 -4.69 26.97
N ARG A 385 10.46 -4.43 26.03
CA ARG A 385 9.04 -4.53 26.35
C ARG A 385 8.69 -5.93 26.85
N ILE A 386 9.15 -6.96 26.12
CA ILE A 386 8.84 -8.32 26.51
C ILE A 386 9.45 -8.65 27.87
N GLN A 387 10.65 -8.14 28.14
CA GLN A 387 11.28 -8.41 29.43
C GLN A 387 10.49 -7.78 30.56
N THR A 388 10.07 -6.52 30.41
CA THR A 388 9.26 -5.90 31.45
C THR A 388 7.90 -6.60 31.59
N PHE A 389 7.39 -7.20 30.51
CA PHE A 389 6.12 -7.91 30.61
C PHE A 389 6.27 -9.24 31.33
N LEU A 390 7.40 -9.91 31.16
CA LEU A 390 7.61 -11.23 31.76
C LEU A 390 7.98 -11.17 33.23
N LEU A 391 7.83 -10.02 33.88
CA LEU A 391 8.23 -9.86 35.27
C LEU A 391 7.08 -9.50 36.19
N LEU A 392 5.86 -9.43 35.67
CA LEU A 392 4.71 -9.10 36.50
C LEU A 392 4.48 -10.19 37.56
N ASP A 393 3.58 -9.90 38.49
CA ASP A 393 3.32 -10.82 39.58
C ASP A 393 2.52 -12.03 39.07
N GLU A 394 2.36 -13.02 39.95
CA GLU A 394 1.67 -14.25 39.60
C GLU A 394 0.85 -14.71 40.80
N ILE A 395 -0.07 -15.64 40.54
CA ILE A 395 -1.04 -16.06 41.56
C ILE A 395 -0.33 -16.75 42.71
N SER A 396 -1.06 -16.90 43.82
CA SER A 396 -0.52 -17.57 45.00
C SER A 396 -0.16 -19.02 44.68
N VAL A 696 -6.84 -8.44 -14.40
CA VAL A 696 -6.12 -7.31 -14.99
C VAL A 696 -6.09 -7.47 -16.51
N GLY A 697 -5.15 -6.79 -17.16
CA GLY A 697 -5.05 -6.83 -18.60
C GLY A 697 -4.65 -5.49 -19.19
N PHE A 698 -4.29 -5.47 -20.47
CA PHE A 698 -3.86 -4.23 -21.11
C PHE A 698 -4.93 -3.15 -21.02
N GLN A 699 -6.20 -3.54 -20.88
CA GLN A 699 -7.27 -2.56 -20.79
C GLN A 699 -7.11 -1.67 -19.57
N ALA A 700 -6.81 -2.26 -18.41
CA ALA A 700 -6.64 -1.47 -17.20
C ALA A 700 -5.48 -0.50 -17.32
N TYR A 701 -4.35 -0.96 -17.86
CA TYR A 701 -3.21 -0.06 -18.04
C TYR A 701 -3.53 1.07 -18.99
N LYS A 702 -4.23 0.76 -20.10
CA LYS A 702 -4.57 1.80 -21.06
C LYS A 702 -5.55 2.81 -20.48
N ASN A 703 -6.46 2.36 -19.61
CA ASN A 703 -7.41 3.26 -18.97
C ASN A 703 -6.77 4.06 -17.85
N TYR A 704 -5.70 3.55 -17.24
CA TYR A 704 -5.01 4.25 -16.17
C TYR A 704 -3.95 5.22 -16.67
N PHE A 705 -3.42 5.01 -17.88
CA PHE A 705 -2.41 5.91 -18.42
C PHE A 705 -3.03 7.05 -19.22
N ARG A 706 -4.04 6.77 -20.05
CA ARG A 706 -4.60 7.78 -20.93
C ARG A 706 -5.40 8.84 -20.19
N ALA A 707 -5.56 8.73 -18.87
CA ALA A 707 -6.21 9.74 -18.06
C ALA A 707 -5.22 10.72 -17.46
N GLY A 708 -3.95 10.65 -17.86
CA GLY A 708 -2.92 11.50 -17.30
C GLY A 708 -2.53 12.66 -18.20
N ALA A 709 -2.41 12.40 -19.50
CA ALA A 709 -2.04 13.45 -20.44
C ALA A 709 -2.22 12.92 -21.86
N HIS A 710 -2.14 13.84 -22.82
CA HIS A 710 -2.24 13.49 -24.22
C HIS A 710 -1.07 12.61 -24.64
N TRP A 711 -1.27 11.82 -25.70
CA TRP A 711 -0.26 10.87 -26.11
C TRP A 711 1.05 11.54 -26.55
N ILE A 712 1.02 12.81 -26.91
CA ILE A 712 2.26 13.50 -27.25
C ILE A 712 3.17 13.59 -26.04
N VAL A 713 2.59 13.75 -24.85
CA VAL A 713 3.38 13.77 -23.63
C VAL A 713 4.03 12.43 -23.40
N PHE A 714 3.31 11.34 -23.70
CA PHE A 714 3.88 10.01 -23.55
C PHE A 714 5.01 9.78 -24.56
N ILE A 715 4.86 10.32 -25.77
CA ILE A 715 5.93 10.23 -26.75
C ILE A 715 7.17 10.97 -26.25
N PHE A 716 6.97 12.18 -25.73
CA PHE A 716 8.09 12.94 -25.17
C PHE A 716 8.76 12.17 -24.04
N LEU A 717 7.96 11.53 -23.19
CA LEU A 717 8.52 10.77 -22.08
C LEU A 717 9.34 9.59 -22.57
N ILE A 718 8.81 8.85 -23.54
CA ILE A 718 9.54 7.71 -24.11
C ILE A 718 10.85 8.17 -24.72
N LEU A 719 10.82 9.30 -25.43
CA LEU A 719 12.03 9.80 -26.06
C LEU A 719 13.00 10.40 -25.06
N LEU A 720 12.52 10.78 -23.88
CA LEU A 720 13.36 11.36 -22.85
C LEU A 720 13.98 10.32 -21.93
N ASN A 721 13.37 9.13 -21.82
CA ASN A 721 13.94 8.08 -20.99
C ASN A 721 15.08 7.35 -21.68
N THR A 722 15.12 7.36 -23.02
CA THR A 722 16.17 6.71 -23.78
C THR A 722 17.32 7.65 -24.10
N ALA A 723 17.48 8.72 -23.34
CA ALA A 723 18.57 9.66 -23.50
C ALA A 723 19.50 9.68 -22.31
N ALA A 724 19.05 9.18 -21.15
CA ALA A 724 19.92 9.10 -19.99
C ALA A 724 20.86 7.90 -20.09
N GLN A 725 20.34 6.75 -20.52
CA GLN A 725 21.15 5.55 -20.59
C GLN A 725 22.22 5.66 -21.67
N VAL A 726 21.88 6.28 -22.80
CA VAL A 726 22.86 6.51 -23.85
C VAL A 726 24.07 7.25 -23.30
N ALA A 727 23.83 8.29 -22.52
CA ALA A 727 24.94 9.05 -21.94
C ALA A 727 25.65 8.25 -20.85
N TYR A 728 24.88 7.52 -20.05
CA TYR A 728 25.46 6.62 -19.04
C TYR A 728 26.52 5.71 -19.66
N VAL A 729 26.26 5.23 -20.87
CA VAL A 729 27.19 4.30 -21.51
C VAL A 729 28.29 5.05 -22.26
N LEU A 730 27.95 6.17 -22.91
CA LEU A 730 28.94 6.92 -23.66
C LEU A 730 30.00 7.51 -22.75
N GLN A 731 29.65 7.80 -21.49
CA GLN A 731 30.65 8.34 -20.56
C GLN A 731 31.81 7.37 -20.35
N ASP A 732 31.54 6.07 -20.40
CA ASP A 732 32.59 5.06 -20.27
C ASP A 732 33.22 4.71 -21.61
N TRP A 733 32.43 4.71 -22.67
CA TRP A 733 33.01 4.49 -23.99
C TRP A 733 34.06 5.55 -24.31
N TRP A 734 33.82 6.80 -23.89
CA TRP A 734 34.78 7.86 -24.14
C TRP A 734 36.10 7.57 -23.42
N LEU A 735 36.01 7.03 -22.22
CA LEU A 735 37.21 6.73 -21.45
C LEU A 735 37.99 5.59 -22.09
N SER A 736 37.29 4.58 -22.61
CA SER A 736 37.98 3.52 -23.35
C SER A 736 38.62 4.07 -24.61
N TYR A 737 37.95 4.97 -25.32
CA TYR A 737 38.50 5.59 -26.52
C TYR A 737 39.78 6.35 -26.19
N TRP A 738 39.75 7.17 -25.15
CA TRP A 738 40.94 7.87 -24.68
C TRP A 738 42.07 6.88 -24.40
N ALA A 739 41.77 5.83 -23.64
CA ALA A 739 42.79 4.85 -23.31
C ALA A 739 43.43 4.27 -24.57
N ASN A 740 42.60 3.87 -25.55
CA ASN A 740 43.14 3.26 -26.75
C ASN A 740 43.93 4.26 -27.59
N LYS A 741 43.57 5.54 -27.51
CA LYS A 741 44.33 6.56 -28.24
C LYS A 741 45.67 6.85 -27.57
N GLN A 742 45.75 6.67 -26.26
CA GLN A 742 47.01 6.93 -25.57
C GLN A 742 48.10 5.95 -26.02
N SER A 743 47.77 4.66 -26.09
CA SER A 743 48.78 3.63 -26.33
C SER A 743 49.45 3.75 -27.69
N MET A 744 48.80 4.37 -28.67
CA MET A 744 49.34 4.46 -30.02
C MET A 744 50.33 5.61 -30.20
N LEU A 745 50.87 6.14 -29.12
CA LEU A 745 51.86 7.20 -29.18
C LEU A 745 53.27 6.61 -29.17
N ASN A 746 54.26 7.47 -29.39
CA ASN A 746 55.66 7.05 -29.35
C ASN A 746 56.01 6.45 -27.99
N THR A 756 56.62 15.27 -26.64
CA THR A 756 56.62 13.82 -26.62
C THR A 756 55.27 13.32 -27.13
N GLU A 757 54.71 14.06 -28.09
CA GLU A 757 53.38 13.77 -28.63
C GLU A 757 52.36 13.61 -27.52
N LYS A 758 52.12 14.71 -26.81
CA LYS A 758 51.16 14.74 -25.72
C LYS A 758 49.75 14.97 -26.24
N LEU A 759 48.78 14.65 -25.39
CA LEU A 759 47.38 14.83 -25.71
C LEU A 759 46.86 16.08 -25.02
N ASP A 760 46.14 16.92 -25.76
CA ASP A 760 45.52 18.08 -25.15
C ASP A 760 44.37 17.64 -24.25
N LEU A 761 44.36 18.17 -23.03
CA LEU A 761 43.37 17.76 -22.05
C LEU A 761 42.07 18.55 -22.14
N ASN A 762 42.10 19.74 -22.72
CA ASN A 762 40.88 20.54 -22.80
C ASN A 762 39.75 19.77 -23.48
N TRP A 763 40.01 19.23 -24.66
CA TRP A 763 38.98 18.55 -25.43
C TRP A 763 38.48 17.31 -24.69
N TYR A 764 39.40 16.40 -24.35
CA TYR A 764 39.05 15.14 -23.70
C TYR A 764 38.38 15.33 -22.36
N LEU A 765 38.64 16.46 -21.69
CA LEU A 765 38.06 16.71 -20.37
C LEU A 765 36.74 17.46 -20.44
N GLY A 766 36.59 18.37 -21.41
CA GLY A 766 35.33 19.05 -21.60
C GLY A 766 34.24 18.13 -22.08
N ILE A 767 34.58 17.22 -23.01
CA ILE A 767 33.57 16.26 -23.45
C ILE A 767 33.13 15.37 -22.29
N TYR A 768 34.09 14.99 -21.44
CA TYR A 768 33.76 14.17 -20.28
C TYR A 768 32.85 14.92 -19.31
N SER A 769 33.12 16.21 -19.08
CA SER A 769 32.25 17.01 -18.23
C SER A 769 30.85 17.13 -18.80
N GLY A 770 30.75 17.38 -20.12
CA GLY A 770 29.43 17.50 -20.73
C GLY A 770 28.63 16.22 -20.63
N LEU A 771 29.26 15.08 -20.90
CA LEU A 771 28.57 13.81 -20.79
C LEU A 771 28.24 13.47 -19.34
N THR A 772 28.97 14.07 -18.39
CA THR A 772 28.61 13.89 -16.98
C THR A 772 27.38 14.73 -16.62
N VAL A 773 27.28 15.93 -17.19
CA VAL A 773 26.18 16.84 -16.85
C VAL A 773 24.86 16.35 -17.44
N ALA A 774 24.89 15.94 -18.71
CA ALA A 774 23.66 15.53 -19.39
C ALA A 774 22.96 14.41 -18.64
N THR A 775 23.73 13.45 -18.11
CA THR A 775 23.14 12.34 -17.37
C THR A 775 22.26 12.84 -16.24
N VAL A 776 22.81 13.71 -15.39
CA VAL A 776 22.05 14.21 -14.24
C VAL A 776 20.83 14.98 -14.70
N LEU A 777 21.00 15.87 -15.68
CA LEU A 777 19.86 16.67 -16.14
C LEU A 777 18.71 15.77 -16.57
N PHE A 778 18.98 14.83 -17.47
CA PHE A 778 17.92 13.95 -17.95
C PHE A 778 17.36 13.07 -16.85
N GLY A 779 18.20 12.57 -15.94
CA GLY A 779 17.71 11.72 -14.87
C GLY A 779 16.79 12.44 -13.92
N ILE A 780 16.95 13.75 -13.76
CA ILE A 780 16.01 14.50 -12.93
C ILE A 780 14.72 14.77 -13.71
N ALA A 781 14.86 15.23 -14.96
CA ALA A 781 13.68 15.58 -15.74
C ALA A 781 12.73 14.38 -15.89
N ARG A 782 13.28 13.22 -16.19
CA ARG A 782 12.46 12.02 -16.36
C ARG A 782 11.61 11.75 -15.13
N SER A 783 12.25 11.74 -13.96
CA SER A 783 11.54 11.43 -12.72
C SER A 783 10.43 12.43 -12.46
N LEU A 784 10.74 13.73 -12.61
CA LEU A 784 9.72 14.74 -12.34
C LEU A 784 8.51 14.55 -13.26
N LEU A 785 8.75 14.39 -14.56
CA LEU A 785 7.64 14.25 -15.49
C LEU A 785 6.82 13.00 -15.20
N VAL A 786 7.49 11.88 -14.89
CA VAL A 786 6.76 10.65 -14.60
C VAL A 786 5.85 10.83 -13.40
N PHE A 787 6.39 11.42 -12.33
CA PHE A 787 5.58 11.61 -11.12
C PHE A 787 4.36 12.49 -11.42
N TYR A 788 4.57 13.59 -12.14
CA TYR A 788 3.44 14.48 -12.45
C TYR A 788 2.38 13.74 -13.24
N VAL A 789 2.79 13.00 -14.28
CA VAL A 789 1.83 12.33 -15.14
C VAL A 789 1.07 11.27 -14.38
N LEU A 790 1.70 10.60 -13.42
CA LEU A 790 1.00 9.54 -12.71
C LEU A 790 0.18 10.06 -11.53
N VAL A 791 0.41 11.29 -11.08
CA VAL A 791 -0.47 11.86 -10.05
C VAL A 791 -1.70 12.51 -10.68
N ASN A 792 -1.54 13.11 -11.87
CA ASN A 792 -2.70 13.68 -12.55
C ASN A 792 -3.79 12.63 -12.79
N SER A 793 -3.40 11.38 -12.97
CA SER A 793 -4.38 10.33 -13.24
C SER A 793 -5.29 10.12 -12.05
N SER A 794 -4.72 10.03 -10.85
CA SER A 794 -5.55 9.93 -9.65
C SER A 794 -6.40 11.18 -9.45
N GLN A 795 -5.79 12.36 -9.66
CA GLN A 795 -6.55 13.59 -9.53
C GLN A 795 -7.79 13.56 -10.43
N THR A 796 -7.67 12.98 -11.63
CA THR A 796 -8.79 12.94 -12.55
C THR A 796 -9.78 11.84 -12.23
N LEU A 797 -9.32 10.68 -11.75
CA LEU A 797 -10.24 9.59 -11.45
C LEU A 797 -11.09 9.86 -10.22
N HIS A 798 -10.52 10.46 -9.17
CA HIS A 798 -11.29 10.67 -7.95
C HIS A 798 -12.53 11.50 -8.21
N ASN A 799 -12.41 12.54 -9.05
CA ASN A 799 -13.56 13.36 -9.38
C ASN A 799 -14.68 12.52 -9.96
N LYS A 800 -14.45 11.92 -11.13
CA LYS A 800 -15.41 11.02 -11.74
C LYS A 800 -16.05 10.10 -10.71
N MET A 801 -15.22 9.50 -9.84
CA MET A 801 -15.76 8.63 -8.81
C MET A 801 -16.82 9.34 -7.97
N PHE A 802 -16.46 10.50 -7.43
CA PHE A 802 -17.36 11.18 -6.50
C PHE A 802 -18.60 11.69 -7.21
N GLU A 803 -18.44 12.37 -8.34
CA GLU A 803 -19.57 12.89 -9.08
C GLU A 803 -20.40 11.80 -9.75
N SER A 804 -19.96 10.54 -9.70
CA SER A 804 -20.78 9.43 -10.15
C SER A 804 -21.52 8.74 -9.01
N ILE A 805 -20.90 8.56 -7.86
CA ILE A 805 -21.59 7.94 -6.73
C ILE A 805 -22.64 8.86 -6.13
N LEU A 806 -22.53 10.17 -6.37
CA LEU A 806 -23.47 11.12 -5.79
C LEU A 806 -24.81 11.15 -6.53
N LYS A 807 -24.84 10.69 -7.77
CA LYS A 807 -26.05 10.69 -8.59
C LYS A 807 -26.65 9.29 -8.74
N ALA A 808 -26.27 8.36 -7.87
CA ALA A 808 -26.80 7.01 -7.97
C ALA A 808 -28.11 6.90 -7.19
N PRO A 809 -28.99 5.97 -7.56
CA PRO A 809 -30.24 5.80 -6.82
C PRO A 809 -30.00 5.33 -5.39
N VAL A 810 -31.09 5.24 -4.63
CA VAL A 810 -30.98 4.76 -3.26
C VAL A 810 -30.84 3.24 -3.23
N LEU A 811 -31.30 2.56 -4.28
CA LEU A 811 -31.17 1.10 -4.33
C LEU A 811 -29.71 0.67 -4.33
N PHE A 812 -28.85 1.44 -4.98
CA PHE A 812 -27.43 1.10 -5.01
C PHE A 812 -26.82 1.11 -3.61
N PHE A 813 -27.42 1.86 -2.69
CA PHE A 813 -26.93 1.94 -1.32
C PHE A 813 -27.58 0.91 -0.39
N ASP A 814 -28.75 0.39 -0.75
CA ASP A 814 -29.46 -0.58 0.07
C ASP A 814 -28.90 -1.98 -0.05
N ARG A 815 -27.91 -2.20 -0.92
CA ARG A 815 -27.31 -3.51 -1.08
C ARG A 815 -25.81 -3.51 -0.81
N ASN A 816 -25.20 -2.34 -0.57
CA ASN A 816 -23.78 -2.24 -0.28
C ASN A 816 -23.63 -1.51 1.04
N PRO A 817 -23.00 -2.10 2.05
CA PRO A 817 -22.83 -1.40 3.33
C PRO A 817 -21.79 -0.29 3.22
N ILE A 818 -21.87 0.64 4.17
CA ILE A 818 -20.99 1.81 4.16
C ILE A 818 -19.53 1.39 4.27
N GLY A 819 -19.25 0.31 5.00
CA GLY A 819 -17.88 -0.09 5.21
C GLY A 819 -17.13 -0.34 3.91
N ARG A 820 -17.78 -1.03 2.98
CA ARG A 820 -17.12 -1.36 1.72
C ARG A 820 -16.73 -0.10 0.96
N ILE A 821 -17.68 0.83 0.80
CA ILE A 821 -17.42 2.03 0.00
C ILE A 821 -16.38 2.91 0.68
N LEU A 822 -16.43 3.01 2.01
CA LEU A 822 -15.46 3.82 2.72
C LEU A 822 -14.06 3.23 2.62
N ASN A 823 -13.95 1.91 2.82
CA ASN A 823 -12.67 1.24 2.63
C ASN A 823 -12.13 1.48 1.24
N ARG A 824 -13.00 1.41 0.23
CA ARG A 824 -12.57 1.73 -1.13
C ARG A 824 -11.98 3.13 -1.18
N PHE A 825 -12.81 4.14 -0.89
CA PHE A 825 -12.40 5.54 -1.02
C PHE A 825 -11.09 5.81 -0.29
N SER A 826 -10.88 5.16 0.85
CA SER A 826 -9.66 5.42 1.61
C SER A 826 -8.47 4.65 1.04
N LYS A 827 -8.54 3.32 1.08
CA LYS A 827 -7.37 2.50 0.79
C LYS A 827 -6.96 2.62 -0.68
N ASP A 828 -7.91 2.51 -1.60
CA ASP A 828 -7.53 2.48 -3.01
C ASP A 828 -6.88 3.79 -3.43
N ILE A 829 -7.47 4.92 -3.02
CA ILE A 829 -6.90 6.21 -3.39
C ILE A 829 -5.57 6.44 -2.68
N GLY A 830 -5.45 5.97 -1.44
CA GLY A 830 -4.15 6.05 -0.78
C GLY A 830 -3.08 5.32 -1.57
N HIS A 831 -3.38 4.10 -2.02
CA HIS A 831 -2.42 3.35 -2.81
C HIS A 831 -2.12 4.06 -4.12
N LEU A 832 -3.13 4.63 -4.76
CA LEU A 832 -2.90 5.33 -6.03
C LEU A 832 -2.02 6.55 -5.84
N ASP A 833 -2.15 7.26 -4.72
CA ASP A 833 -1.44 8.52 -4.54
C ASP A 833 -0.07 8.34 -3.88
N ASP A 834 0.18 7.24 -3.19
CA ASP A 834 1.41 7.08 -2.42
C ASP A 834 2.46 6.23 -3.13
N LEU A 835 2.12 4.99 -3.47
CA LEU A 835 3.14 3.99 -3.81
C LEU A 835 3.30 3.73 -5.30
N LEU A 836 2.21 3.75 -6.07
CA LEU A 836 2.30 3.35 -7.48
C LEU A 836 3.39 4.06 -8.25
N PRO A 837 3.48 5.40 -8.23
CA PRO A 837 4.47 6.07 -9.08
C PRO A 837 5.90 5.69 -8.76
N LEU A 838 6.24 5.59 -7.48
CA LEU A 838 7.61 5.24 -7.09
C LEU A 838 7.99 3.85 -7.61
N THR A 839 7.08 2.90 -7.45
CA THR A 839 7.35 1.54 -7.92
C THR A 839 7.48 1.50 -9.44
N PHE A 840 6.56 2.18 -10.15
CA PHE A 840 6.66 2.25 -11.60
C PHE A 840 8.01 2.81 -12.04
N LEU A 841 8.44 3.91 -11.42
CA LEU A 841 9.68 4.54 -11.82
C LEU A 841 10.88 3.64 -11.56
N ASP A 842 10.93 3.02 -10.38
CA ASP A 842 12.04 2.14 -10.06
C ASP A 842 12.08 0.95 -11.02
N PHE A 843 10.91 0.39 -11.33
CA PHE A 843 10.86 -0.75 -12.24
C PHE A 843 11.35 -0.37 -13.63
N ILE A 844 10.89 0.78 -14.15
CA ILE A 844 11.32 1.22 -15.47
C ILE A 844 12.82 1.47 -15.50
N GLN A 845 13.34 2.11 -14.45
CA GLN A 845 14.77 2.41 -14.38
C GLN A 845 15.59 1.13 -14.39
N THR A 846 15.26 0.18 -13.52
CA THR A 846 16.03 -1.05 -13.45
C THR A 846 15.85 -1.89 -14.72
N LEU A 847 14.72 -1.74 -15.41
CA LEU A 847 14.55 -2.45 -16.68
C LEU A 847 15.45 -1.87 -17.76
N LEU A 848 15.49 -0.55 -17.87
CA LEU A 848 16.37 0.08 -18.86
C LEU A 848 17.84 -0.12 -18.53
N GLN A 849 18.18 -0.39 -17.27
CA GLN A 849 19.57 -0.64 -16.92
C GLN A 849 20.10 -1.96 -17.45
N VAL A 850 19.22 -2.89 -17.83
CA VAL A 850 19.65 -4.20 -18.31
C VAL A 850 19.83 -4.24 -19.82
N VAL A 851 18.94 -3.56 -20.56
CA VAL A 851 19.06 -3.53 -22.01
C VAL A 851 20.37 -2.89 -22.43
N GLY A 852 20.85 -1.91 -21.66
CA GLY A 852 22.15 -1.32 -21.97
C GLY A 852 23.29 -2.31 -21.79
N VAL A 853 23.26 -3.07 -20.71
CA VAL A 853 24.26 -4.13 -20.51
C VAL A 853 24.26 -5.08 -21.70
N VAL A 854 23.08 -5.58 -22.07
CA VAL A 854 23.01 -6.56 -23.15
C VAL A 854 23.49 -5.95 -24.47
N SER A 855 23.09 -4.71 -24.75
CA SER A 855 23.47 -4.08 -26.01
C SER A 855 24.97 -3.82 -26.07
N VAL A 856 25.58 -3.46 -24.93
CA VAL A 856 27.03 -3.27 -24.90
C VAL A 856 27.72 -4.61 -25.13
N ALA A 857 27.17 -5.69 -24.58
CA ALA A 857 27.78 -7.00 -24.76
C ALA A 857 27.58 -7.53 -26.18
N VAL A 858 26.57 -7.04 -26.88
CA VAL A 858 26.32 -7.53 -28.24
C VAL A 858 27.12 -6.73 -29.28
N ALA A 859 27.19 -5.41 -29.13
CA ALA A 859 27.98 -4.59 -30.05
C ALA A 859 29.43 -5.04 -30.11
N VAL A 860 29.91 -5.74 -29.09
CA VAL A 860 31.20 -6.41 -29.11
C VAL A 860 30.91 -7.90 -29.12
N ILE A 861 31.59 -8.63 -30.00
CA ILE A 861 31.31 -10.06 -30.17
C ILE A 861 29.86 -10.20 -30.63
N PRO A 862 29.53 -9.81 -31.85
CA PRO A 862 28.13 -9.87 -32.29
C PRO A 862 27.52 -11.27 -32.23
N TRP A 863 28.37 -12.30 -32.15
CA TRP A 863 27.90 -13.67 -32.12
C TRP A 863 27.17 -14.02 -30.83
N ILE A 864 27.20 -13.15 -29.82
CA ILE A 864 26.52 -13.43 -28.56
C ILE A 864 25.01 -13.28 -28.70
N ALA A 865 24.52 -12.89 -29.88
CA ALA A 865 23.08 -12.78 -30.07
C ALA A 865 22.42 -14.13 -30.28
N ILE A 866 23.19 -15.14 -30.69
CA ILE A 866 22.61 -16.46 -30.93
C ILE A 866 22.25 -17.16 -29.62
N PRO A 867 23.12 -17.18 -28.60
CA PRO A 867 22.76 -17.88 -27.35
C PRO A 867 21.86 -17.04 -26.45
N LEU A 868 21.35 -15.93 -26.95
CA LEU A 868 20.49 -15.07 -26.16
C LEU A 868 19.00 -15.36 -26.34
N VAL A 869 18.59 -15.74 -27.55
CA VAL A 869 17.17 -15.98 -27.82
C VAL A 869 16.67 -17.20 -27.04
N PRO A 870 17.47 -18.26 -26.83
CA PRO A 870 16.95 -19.36 -26.02
C PRO A 870 16.82 -19.01 -24.55
N LEU A 871 17.87 -18.41 -23.96
CA LEU A 871 17.80 -17.99 -22.57
C LEU A 871 16.70 -16.97 -22.35
N GLY A 872 16.28 -16.27 -23.41
CA GLY A 872 15.18 -15.33 -23.29
C GLY A 872 13.82 -15.98 -23.37
N ILE A 873 13.75 -17.16 -23.99
CA ILE A 873 12.47 -17.85 -24.08
C ILE A 873 12.24 -18.72 -22.84
N ILE A 874 13.28 -19.35 -22.32
CA ILE A 874 13.15 -20.15 -21.12
C ILE A 874 12.53 -19.32 -20.00
N PHE A 875 13.16 -18.20 -19.64
CA PHE A 875 12.66 -17.36 -18.57
C PHE A 875 11.18 -17.07 -18.72
N ILE A 876 10.76 -16.60 -19.90
CA ILE A 876 9.37 -16.22 -20.10
C ILE A 876 8.43 -17.33 -19.65
N PHE A 877 8.80 -18.58 -19.88
CA PHE A 877 7.97 -19.69 -19.43
C PHE A 877 8.16 -19.95 -17.95
N LEU A 878 9.42 -20.05 -17.50
CA LEU A 878 9.70 -20.38 -16.10
C LEU A 878 8.86 -19.53 -15.16
N ARG A 879 8.91 -18.21 -15.31
CA ARG A 879 8.14 -17.32 -14.47
C ARG A 879 6.72 -17.83 -14.28
N ARG A 880 6.01 -18.06 -15.38
CA ARG A 880 4.64 -18.56 -15.28
C ARG A 880 4.59 -19.85 -14.47
N TYR A 881 5.38 -20.85 -14.87
CA TYR A 881 5.39 -22.12 -14.17
C TYR A 881 5.59 -21.95 -12.67
N PHE A 882 6.14 -20.81 -12.26
CA PHE A 882 6.31 -20.52 -10.84
C PHE A 882 5.06 -19.86 -10.27
N LEU A 883 4.63 -18.75 -10.88
CA LEU A 883 3.56 -17.96 -10.29
C LEU A 883 2.31 -18.78 -10.07
N GLU A 884 2.03 -19.72 -10.97
CA GLU A 884 0.79 -20.48 -10.90
C GLU A 884 0.68 -21.30 -9.62
N THR A 885 1.77 -21.44 -8.85
CA THR A 885 1.69 -22.01 -7.52
C THR A 885 2.11 -21.04 -6.43
N SER A 886 2.77 -19.94 -6.79
CA SER A 886 3.16 -18.95 -5.79
C SER A 886 2.00 -18.04 -5.39
N ARG A 887 0.96 -17.94 -6.20
CA ARG A 887 -0.22 -17.16 -5.87
C ARG A 887 -1.18 -17.90 -4.95
N ASP A 888 -0.78 -19.07 -4.46
CA ASP A 888 -1.60 -19.85 -3.54
C ASP A 888 -1.02 -19.96 -2.14
N VAL A 889 0.27 -19.69 -1.94
CA VAL A 889 0.86 -19.84 -0.63
C VAL A 889 0.48 -18.68 0.30
N LYS A 890 0.32 -17.49 -0.27
CA LYS A 890 -0.08 -16.33 0.54
C LYS A 890 -1.45 -16.55 1.16
N ARG A 891 -2.37 -17.12 0.39
CA ARG A 891 -3.69 -17.43 0.89
C ARG A 891 -3.61 -18.36 2.10
N LEU A 892 -2.79 -19.40 2.00
CA LEU A 892 -2.63 -20.33 3.12
C LEU A 892 -2.02 -19.63 4.32
N GLU A 893 -1.00 -18.79 4.09
CA GLU A 893 -0.40 -18.04 5.18
C GLU A 893 -1.44 -17.24 5.94
N SER A 894 -2.27 -16.49 5.22
CA SER A 894 -3.28 -15.65 5.87
C SER A 894 -4.32 -16.50 6.59
N THR A 895 -4.82 -17.54 5.92
CA THR A 895 -5.88 -18.35 6.49
C THR A 895 -5.40 -19.15 7.70
N THR A 896 -4.09 -19.40 7.79
CA THR A 896 -3.54 -20.09 8.95
C THR A 896 -3.01 -19.14 10.02
N ARG A 897 -2.83 -17.87 9.68
CA ARG A 897 -2.41 -16.87 10.66
C ARG A 897 -3.58 -16.22 11.38
N SER A 898 -4.74 -16.13 10.75
CA SER A 898 -5.89 -15.55 11.43
C SER A 898 -6.41 -16.41 12.57
N PRO A 899 -6.49 -17.74 12.44
CA PRO A 899 -7.13 -18.53 13.53
C PRO A 899 -6.34 -18.52 14.82
N VAL A 900 -5.02 -18.47 14.79
CA VAL A 900 -4.25 -18.40 16.02
C VAL A 900 -4.58 -17.14 16.79
N PHE A 901 -4.67 -16.00 16.08
CA PHE A 901 -5.02 -14.76 16.75
C PHE A 901 -6.44 -14.81 17.27
N SER A 902 -7.37 -15.37 16.50
CA SER A 902 -8.75 -15.48 16.99
C SER A 902 -8.81 -16.31 18.26
N HIS A 903 -8.15 -17.47 18.26
CA HIS A 903 -8.16 -18.34 19.43
C HIS A 903 -7.54 -17.66 20.63
N LEU A 904 -6.41 -16.99 20.46
CA LEU A 904 -5.79 -16.27 21.56
C LEU A 904 -6.72 -15.20 22.10
N SER A 905 -7.28 -14.38 21.22
CA SER A 905 -8.15 -13.28 21.67
C SER A 905 -9.37 -13.81 22.41
N SER A 906 -9.94 -14.92 21.96
CA SER A 906 -11.14 -15.45 22.60
C SER A 906 -10.80 -16.29 23.84
N SER A 907 -9.52 -16.66 24.01
CA SER A 907 -9.12 -17.51 25.11
C SER A 907 -8.70 -16.73 26.35
N LEU A 908 -8.35 -15.46 26.20
CA LEU A 908 -7.89 -14.70 27.36
C LEU A 908 -9.06 -14.22 28.21
N GLN A 909 -10.26 -14.13 27.63
CA GLN A 909 -11.43 -13.66 28.37
C GLN A 909 -12.01 -14.76 29.25
N GLY A 910 -12.29 -15.91 28.66
CA GLY A 910 -12.81 -17.05 29.42
C GLY A 910 -11.73 -17.76 30.19
N LEU A 911 -11.18 -17.08 31.22
CA LEU A 911 -10.08 -17.62 32.00
C LEU A 911 -10.52 -18.21 33.33
N TRP A 912 -11.53 -17.63 33.98
CA TRP A 912 -11.92 -18.09 35.31
C TRP A 912 -12.29 -19.56 35.31
N THR A 913 -13.01 -20.02 34.28
CA THR A 913 -13.37 -21.43 34.21
C THR A 913 -12.16 -22.31 33.95
N ILE A 914 -11.15 -21.79 33.23
CA ILE A 914 -9.95 -22.58 32.99
C ILE A 914 -9.20 -22.81 34.30
N ARG A 915 -9.30 -21.86 35.24
CA ARG A 915 -8.67 -22.02 36.55
C ARG A 915 -9.54 -22.81 37.51
N ALA A 916 -10.87 -22.78 37.31
CA ALA A 916 -11.76 -23.58 38.16
C ALA A 916 -11.33 -25.04 38.17
N TYR A 917 -11.16 -25.64 37.00
CA TYR A 917 -10.65 -26.99 36.86
C TYR A 917 -9.16 -26.91 36.50
N LYS A 918 -8.35 -27.67 37.23
CA LYS A 918 -6.89 -27.65 37.03
C LYS A 918 -6.55 -28.38 35.74
N ALA A 919 -6.97 -27.77 34.62
CA ALA A 919 -6.76 -28.32 33.28
C ALA A 919 -6.35 -27.18 32.36
N GLU A 920 -5.05 -26.98 32.20
CA GLU A 920 -4.51 -25.98 31.29
C GLU A 920 -3.48 -26.56 30.33
N GLU A 921 -3.27 -27.87 30.36
CA GLU A 921 -2.33 -28.51 29.46
C GLU A 921 -2.89 -28.69 28.07
N ARG A 922 -4.22 -28.77 27.93
CA ARG A 922 -4.85 -28.96 26.63
C ARG A 922 -4.83 -27.68 25.79
N CYS A 923 -5.03 -26.53 26.42
CA CYS A 923 -5.04 -25.27 25.67
C CYS A 923 -3.67 -25.00 25.06
N GLN A 924 -2.60 -25.32 25.80
CA GLN A 924 -1.26 -25.15 25.27
C GLN A 924 -1.04 -26.02 24.05
N GLU A 925 -1.47 -27.28 24.11
CA GLU A 925 -1.31 -28.17 22.96
C GLU A 925 -2.12 -27.68 21.77
N LEU A 926 -3.33 -27.16 22.02
CA LEU A 926 -4.14 -26.62 20.94
C LEU A 926 -3.47 -25.42 20.31
N PHE A 927 -2.88 -24.55 21.13
CA PHE A 927 -2.15 -23.40 20.61
C PHE A 927 -0.97 -23.84 19.75
N ASP A 928 -0.21 -24.84 20.22
CA ASP A 928 0.92 -25.34 19.44
C ASP A 928 0.45 -25.92 18.11
N ALA A 929 -0.67 -26.65 18.13
CA ALA A 929 -1.21 -27.20 16.89
C ALA A 929 -1.63 -26.10 15.94
N HIS A 930 -2.22 -25.03 16.47
CA HIS A 930 -2.60 -23.90 15.62
C HIS A 930 -1.38 -23.23 15.02
N GLN A 931 -0.27 -23.19 15.75
CA GLN A 931 0.92 -22.49 15.29
C GLN A 931 1.71 -23.32 14.28
N ASP A 932 1.66 -24.66 14.39
CA ASP A 932 2.40 -25.51 13.48
C ASP A 932 1.96 -25.33 12.03
N LEU A 933 0.69 -25.04 11.80
CA LEU A 933 0.21 -24.85 10.44
C LEU A 933 0.87 -23.63 9.80
N HIS A 934 0.89 -22.51 10.52
CA HIS A 934 1.56 -21.33 10.01
C HIS A 934 3.05 -21.59 9.83
N SER A 935 3.63 -22.42 10.70
CA SER A 935 5.04 -22.79 10.51
C SER A 935 5.24 -23.49 9.18
N GLU A 936 4.37 -24.46 8.87
CA GLU A 936 4.45 -25.16 7.59
C GLU A 936 4.31 -24.19 6.43
N ALA A 937 3.36 -23.27 6.52
CA ALA A 937 3.15 -22.31 5.44
C ALA A 937 4.37 -21.43 5.23
N TRP A 938 4.97 -20.95 6.32
CA TRP A 938 6.17 -20.14 6.22
C TRP A 938 7.32 -20.93 5.59
N PHE A 939 7.46 -22.19 5.98
CA PHE A 939 8.48 -23.04 5.38
C PHE A 939 8.30 -23.14 3.87
N LEU A 940 7.08 -23.43 3.42
CA LEU A 940 6.83 -23.52 1.99
C LEU A 940 7.11 -22.19 1.30
N PHE A 941 6.75 -21.08 1.96
CA PHE A 941 6.98 -19.77 1.36
C PHE A 941 8.47 -19.54 1.12
N LEU A 942 9.29 -19.76 2.15
CA LEU A 942 10.73 -19.57 1.99
C LEU A 942 11.29 -20.48 0.90
N THR A 943 10.92 -21.76 0.92
CA THR A 943 11.50 -22.70 -0.04
C THR A 943 11.10 -22.34 -1.47
N THR A 944 9.84 -21.97 -1.69
CA THR A 944 9.42 -21.60 -3.03
C THR A 944 10.07 -20.29 -3.47
N SER A 945 10.32 -19.37 -2.55
CA SER A 945 11.00 -18.14 -2.92
C SER A 945 12.45 -18.40 -3.32
N ARG A 946 13.07 -19.41 -2.71
CA ARG A 946 14.47 -19.72 -3.04
C ARG A 946 14.60 -20.66 -4.24
N TRP A 947 13.54 -21.37 -4.60
CA TRP A 947 13.61 -22.33 -5.71
C TRP A 947 13.84 -21.64 -7.06
N PHE A 948 13.52 -20.35 -7.16
CA PHE A 948 13.55 -19.61 -8.42
C PHE A 948 14.84 -18.83 -8.64
N ALA A 949 15.41 -18.29 -7.56
CA ALA A 949 16.60 -17.46 -7.69
C ALA A 949 17.79 -18.26 -8.20
N VAL A 950 17.86 -19.54 -7.84
CA VAL A 950 18.96 -20.38 -8.33
C VAL A 950 18.86 -20.54 -9.84
N ARG A 951 17.67 -20.86 -10.33
CA ARG A 951 17.47 -20.98 -11.77
C ARG A 951 17.83 -19.70 -12.48
N LEU A 952 17.48 -18.56 -11.89
CA LEU A 952 17.78 -17.27 -12.52
C LEU A 952 19.30 -16.99 -12.54
N ASP A 953 19.96 -17.19 -11.40
CA ASP A 953 21.38 -16.90 -11.31
C ASP A 953 22.21 -17.82 -12.19
N ALA A 954 21.73 -19.04 -12.42
CA ALA A 954 22.43 -19.93 -13.35
C ALA A 954 22.60 -19.27 -14.71
N ILE A 955 21.52 -18.69 -15.24
CA ILE A 955 21.57 -17.98 -16.51
C ILE A 955 22.45 -16.75 -16.40
N CYS A 956 22.26 -15.96 -15.33
CA CYS A 956 23.03 -14.74 -15.18
C CYS A 956 24.53 -15.02 -15.16
N ALA A 957 24.93 -16.21 -14.71
CA ALA A 957 26.34 -16.56 -14.66
C ALA A 957 26.83 -17.20 -15.95
N MET A 958 25.99 -18.00 -16.61
CA MET A 958 26.33 -18.53 -17.92
C MET A 958 26.63 -17.40 -18.89
N PHE A 959 25.88 -16.30 -18.79
CA PHE A 959 26.15 -15.14 -19.64
C PHE A 959 27.58 -14.64 -19.45
N VAL A 960 27.99 -14.48 -18.19
CA VAL A 960 29.33 -13.97 -17.90
C VAL A 960 30.40 -14.92 -18.42
N ILE A 961 30.22 -16.22 -18.19
CA ILE A 961 31.19 -17.21 -18.65
C ILE A 961 31.34 -17.12 -20.17
N ILE A 962 30.21 -17.07 -20.88
CA ILE A 962 30.26 -16.97 -22.34
C ILE A 962 31.02 -15.73 -22.75
N VAL A 963 30.70 -14.59 -22.14
CA VAL A 963 31.35 -13.34 -22.52
C VAL A 963 32.87 -13.46 -22.37
N ALA A 964 33.32 -13.92 -21.20
CA ALA A 964 34.76 -13.96 -20.93
C ALA A 964 35.46 -14.89 -21.91
N PHE A 965 34.95 -16.12 -22.08
CA PHE A 965 35.68 -17.07 -22.91
C PHE A 965 35.59 -16.73 -24.38
N GLY A 966 34.50 -16.08 -24.82
CA GLY A 966 34.46 -15.61 -26.19
C GLY A 966 35.42 -14.47 -26.43
N SER A 967 35.53 -13.55 -25.47
CA SER A 967 36.53 -12.50 -25.57
C SER A 967 37.93 -13.10 -25.68
N LEU A 968 38.22 -14.16 -24.92
CA LEU A 968 39.54 -14.77 -24.99
C LEU A 968 39.77 -15.47 -26.33
N ILE A 969 38.74 -16.17 -26.84
CA ILE A 969 38.92 -16.92 -28.08
C ILE A 969 39.10 -16.00 -29.28
N LEU A 970 38.68 -14.74 -29.18
CA LEU A 970 38.74 -13.78 -30.29
C LEU A 970 39.70 -12.64 -29.97
N ALA A 971 40.86 -12.96 -29.42
CA ALA A 971 41.82 -11.96 -28.96
C ALA A 971 42.71 -11.45 -30.08
N LYS A 972 42.28 -11.57 -31.33
CA LYS A 972 43.05 -11.10 -32.46
C LYS A 972 42.33 -10.04 -33.28
N THR A 973 41.10 -9.68 -32.91
CA THR A 973 40.32 -8.71 -33.65
C THR A 973 39.80 -7.58 -32.78
N LEU A 974 40.06 -7.58 -31.48
CA LEU A 974 39.58 -6.55 -30.58
C LEU A 974 40.71 -6.13 -29.64
N ASP A 975 40.51 -4.98 -29.00
CA ASP A 975 41.52 -4.35 -28.16
C ASP A 975 41.12 -4.46 -26.69
N ALA A 976 41.92 -3.81 -25.84
CA ALA A 976 41.76 -3.93 -24.40
C ALA A 976 40.58 -3.13 -23.86
N GLY A 977 40.40 -1.90 -24.33
CA GLY A 977 39.32 -1.07 -23.84
C GLY A 977 37.95 -1.68 -24.04
N GLN A 978 37.72 -2.27 -25.21
CA GLN A 978 36.42 -2.85 -25.50
C GLN A 978 36.12 -4.04 -24.60
N VAL A 979 37.09 -4.95 -24.44
CA VAL A 979 36.89 -6.11 -23.59
C VAL A 979 36.70 -5.67 -22.14
N GLY A 980 37.43 -4.65 -21.70
CA GLY A 980 37.23 -4.15 -20.36
C GLY A 980 35.85 -3.57 -20.14
N LEU A 981 35.36 -2.79 -21.11
CA LEU A 981 34.02 -2.23 -21.01
C LEU A 981 32.96 -3.33 -20.99
N ALA A 982 33.14 -4.36 -21.81
CA ALA A 982 32.17 -5.45 -21.85
C ALA A 982 32.20 -6.29 -20.57
N LEU A 983 33.38 -6.48 -19.98
CA LEU A 983 33.47 -7.31 -18.79
C LEU A 983 32.99 -6.57 -17.54
N SER A 984 33.29 -5.27 -17.43
CA SER A 984 32.92 -4.55 -16.22
C SER A 984 31.41 -4.45 -16.04
N TYR A 985 30.64 -4.52 -17.12
CA TYR A 985 29.18 -4.47 -17.02
C TYR A 985 28.57 -5.84 -16.77
N ALA A 986 29.15 -6.90 -17.33
CA ALA A 986 28.60 -8.23 -17.13
C ALA A 986 28.64 -8.66 -15.67
N LEU A 987 29.47 -8.03 -14.86
CA LEU A 987 29.56 -8.32 -13.43
C LEU A 987 28.58 -7.49 -12.60
N THR A 988 27.51 -6.97 -13.23
CA THR A 988 26.54 -6.14 -12.53
C THR A 988 25.10 -6.52 -12.85
N LEU A 989 24.88 -7.64 -13.53
CA LEU A 989 23.56 -7.98 -14.05
C LEU A 989 22.68 -8.70 -13.04
N MET A 990 23.27 -9.50 -12.14
CA MET A 990 22.50 -10.37 -11.27
C MET A 990 21.53 -9.58 -10.40
N GLY A 991 22.06 -8.66 -9.60
CA GLY A 991 21.25 -7.89 -8.67
C GLY A 991 20.18 -7.07 -9.36
N MET A 992 20.54 -6.44 -10.47
CA MET A 992 19.57 -5.60 -11.17
C MET A 992 18.45 -6.44 -11.77
N PHE A 993 18.79 -7.62 -12.32
CA PHE A 993 17.75 -8.50 -12.83
C PHE A 993 16.83 -8.98 -11.71
N GLN A 994 17.42 -9.31 -10.55
CA GLN A 994 16.61 -9.72 -9.41
C GLN A 994 15.64 -8.61 -9.00
N TRP A 995 16.14 -7.39 -8.89
CA TRP A 995 15.29 -6.26 -8.47
C TRP A 995 14.19 -6.00 -9.50
N CYS A 996 14.53 -6.06 -10.79
CA CYS A 996 13.53 -5.83 -11.83
C CYS A 996 12.44 -6.88 -11.79
N VAL A 997 12.81 -8.15 -11.60
CA VAL A 997 11.80 -9.19 -11.52
C VAL A 997 11.02 -9.13 -10.21
N ARG A 998 11.59 -8.51 -9.18
CA ARG A 998 10.90 -8.42 -7.89
C ARG A 998 9.87 -7.30 -7.88
N GLN A 999 10.17 -6.17 -8.53
CA GLN A 999 9.27 -5.03 -8.46
C GLN A 999 7.96 -5.29 -9.22
N SER A 1000 8.02 -6.08 -10.28
CA SER A 1000 6.83 -6.35 -11.07
C SER A 1000 5.75 -7.04 -10.25
N ALA A 1001 6.15 -7.89 -9.30
CA ALA A 1001 5.18 -8.55 -8.43
C ALA A 1001 4.35 -7.53 -7.67
N GLU A 1002 5.03 -6.61 -6.97
CA GLU A 1002 4.32 -5.57 -6.24
C GLU A 1002 3.45 -4.72 -7.18
N VAL A 1003 3.99 -4.38 -8.35
CA VAL A 1003 3.23 -3.56 -9.29
C VAL A 1003 1.90 -4.23 -9.63
N GLU A 1004 1.97 -5.48 -10.11
CA GLU A 1004 0.77 -6.21 -10.50
C GLU A 1004 -0.12 -6.51 -9.31
N ASN A 1005 0.44 -6.56 -8.09
CA ASN A 1005 -0.39 -6.79 -6.92
C ASN A 1005 -1.23 -5.55 -6.58
N MET A 1006 -0.62 -4.36 -6.67
CA MET A 1006 -1.33 -3.16 -6.29
C MET A 1006 -2.13 -2.56 -7.43
N MET A 1007 -1.97 -3.04 -8.67
CA MET A 1007 -2.83 -2.56 -9.75
C MET A 1007 -4.26 -3.07 -9.61
N ILE A 1008 -4.52 -4.00 -8.69
CA ILE A 1008 -5.89 -4.44 -8.45
C ILE A 1008 -6.72 -3.30 -7.91
N SER A 1009 -6.12 -2.40 -7.14
CA SER A 1009 -6.84 -1.22 -6.66
C SER A 1009 -7.31 -0.37 -7.83
N VAL A 1010 -6.44 -0.15 -8.82
CA VAL A 1010 -6.84 0.57 -10.02
C VAL A 1010 -7.96 -0.18 -10.73
N GLU A 1011 -7.84 -1.50 -10.81
CA GLU A 1011 -8.84 -2.29 -11.53
C GLU A 1011 -10.21 -2.16 -10.87
N ARG A 1012 -10.27 -2.13 -9.54
CA ARG A 1012 -11.55 -2.07 -8.85
C ARG A 1012 -12.08 -0.65 -8.74
N VAL A 1013 -11.20 0.35 -8.76
CA VAL A 1013 -11.66 1.74 -8.74
C VAL A 1013 -12.42 2.08 -10.01
N ILE A 1014 -11.89 1.67 -11.18
CA ILE A 1014 -12.56 1.97 -12.43
C ILE A 1014 -13.89 1.21 -12.56
N GLU A 1015 -14.15 0.26 -11.67
CA GLU A 1015 -15.45 -0.40 -11.66
C GLU A 1015 -16.57 0.60 -11.50
N TYR A 1016 -16.35 1.65 -10.72
CA TYR A 1016 -17.28 2.77 -10.64
C TYR A 1016 -17.04 3.68 -11.84
N THR A 1017 -17.52 4.92 -11.77
CA THR A 1017 -17.44 5.91 -12.83
C THR A 1017 -18.44 5.60 -13.94
N ASP A 1018 -19.11 4.44 -13.90
CA ASP A 1018 -20.14 4.10 -14.87
C ASP A 1018 -21.12 3.15 -14.18
N LEU A 1019 -22.17 3.73 -13.60
CA LEU A 1019 -23.18 2.98 -12.86
C LEU A 1019 -24.54 3.47 -13.33
N GLU A 1020 -25.59 2.98 -12.68
CA GLU A 1020 -26.93 3.46 -12.96
C GLU A 1020 -26.99 4.97 -12.73
N LYS A 1021 -27.94 5.61 -13.39
CA LYS A 1021 -28.07 7.05 -13.31
C LYS A 1021 -29.54 7.43 -13.43
N GLU A 1022 -30.04 8.14 -12.43
CA GLU A 1022 -31.45 8.54 -12.40
C GLU A 1022 -31.68 9.70 -13.37
N ALA A 1023 -32.94 10.11 -13.49
CA ALA A 1023 -33.30 11.17 -14.40
C ALA A 1023 -32.51 12.44 -14.06
N PRO A 1024 -32.30 13.32 -15.04
CA PRO A 1024 -31.53 14.54 -14.79
C PRO A 1024 -32.23 15.45 -13.79
N TRP A 1025 -31.49 16.45 -13.34
CA TRP A 1025 -32.01 17.39 -12.34
C TRP A 1025 -32.81 18.52 -12.97
N GLU A 1026 -32.67 18.76 -14.28
CA GLU A 1026 -33.29 19.91 -14.92
C GLU A 1026 -33.62 19.59 -16.37
N TYR A 1027 -34.90 19.69 -16.72
CA TYR A 1027 -35.37 19.44 -18.07
C TYR A 1027 -35.35 20.74 -18.89
N GLN A 1028 -35.77 20.63 -20.15
CA GLN A 1028 -35.80 21.79 -21.03
C GLN A 1028 -36.75 22.85 -20.53
N LYS A 1029 -38.04 22.52 -20.44
CA LYS A 1029 -39.06 23.47 -20.02
C LYS A 1029 -39.06 23.61 -18.50
N ARG A 1030 -38.94 24.85 -18.04
CA ARG A 1030 -38.98 25.11 -16.60
C ARG A 1030 -40.41 25.31 -16.14
N PRO A 1031 -40.71 25.07 -14.87
CA PRO A 1031 -42.07 25.29 -14.37
C PRO A 1031 -42.32 26.77 -14.16
N PRO A 1032 -43.57 27.16 -13.85
CA PRO A 1032 -43.93 28.56 -13.62
C PRO A 1032 -43.05 29.24 -12.58
N GLU A 1038 -51.84 25.87 -4.23
CA GLU A 1038 -52.38 24.77 -3.44
C GLU A 1038 -52.01 23.43 -4.06
N GLY A 1039 -51.51 22.53 -3.22
CA GLY A 1039 -51.01 21.25 -3.69
C GLY A 1039 -52.10 20.20 -3.88
N VAL A 1040 -52.88 20.33 -4.96
CA VAL A 1040 -53.97 19.41 -5.26
C VAL A 1040 -53.40 18.29 -6.12
N ILE A 1041 -52.99 17.21 -5.48
CA ILE A 1041 -52.44 16.06 -6.16
C ILE A 1041 -53.55 15.09 -6.51
N ILE A 1042 -53.53 14.60 -7.74
CA ILE A 1042 -54.51 13.63 -8.22
C ILE A 1042 -53.77 12.35 -8.58
N PHE A 1043 -54.31 11.22 -8.14
CA PHE A 1043 -53.72 9.92 -8.42
C PHE A 1043 -54.60 9.16 -9.42
N ASP A 1044 -54.13 7.97 -9.76
CA ASP A 1044 -54.76 7.11 -10.75
C ASP A 1044 -54.56 5.66 -10.31
N ASN A 1045 -54.71 4.72 -11.23
CA ASN A 1045 -54.47 3.31 -10.95
C ASN A 1045 -52.98 2.94 -10.96
N VAL A 1046 -52.09 3.93 -10.81
CA VAL A 1046 -50.66 3.68 -10.87
C VAL A 1046 -50.27 2.63 -9.84
N ASN A 1047 -49.21 1.88 -10.14
CA ASN A 1047 -48.63 0.94 -9.19
C ASN A 1047 -47.14 1.21 -9.02
N PHE A 1048 -46.66 0.98 -7.80
CA PHE A 1048 -45.28 1.28 -7.44
C PHE A 1048 -44.57 0.01 -6.99
N MET A 1049 -43.27 -0.05 -7.27
CA MET A 1049 -42.45 -1.20 -6.93
C MET A 1049 -41.01 -0.74 -6.74
N TYR A 1050 -40.35 -1.26 -5.71
CA TYR A 1050 -38.94 -0.92 -5.49
C TYR A 1050 -38.08 -1.34 -6.67
N SER A 1051 -37.94 -2.64 -6.87
CA SER A 1051 -37.12 -3.18 -7.94
C SER A 1051 -37.96 -3.39 -9.19
N PRO A 1052 -37.33 -3.50 -10.36
CA PRO A 1052 -38.11 -3.72 -11.59
C PRO A 1052 -38.88 -5.02 -11.59
N GLY A 1053 -38.42 -6.03 -10.85
CA GLY A 1053 -39.10 -7.32 -10.84
C GLY A 1053 -39.18 -7.96 -9.47
N GLY A 1054 -39.22 -7.14 -8.43
CA GLY A 1054 -39.37 -7.64 -7.08
C GLY A 1054 -40.84 -7.83 -6.73
N PRO A 1055 -41.13 -8.00 -5.44
CA PRO A 1055 -42.54 -8.13 -5.03
C PRO A 1055 -43.29 -6.82 -5.15
N LEU A 1056 -44.60 -6.85 -4.92
CA LEU A 1056 -45.46 -5.68 -5.03
C LEU A 1056 -46.19 -5.46 -3.71
N VAL A 1057 -46.20 -4.22 -3.25
CA VAL A 1057 -46.80 -3.87 -1.97
C VAL A 1057 -47.92 -2.86 -2.09
N LEU A 1058 -47.94 -2.01 -3.12
CA LEU A 1058 -49.01 -1.06 -3.36
C LEU A 1058 -49.62 -1.34 -4.73
N LYS A 1059 -50.94 -1.26 -4.83
CA LYS A 1059 -51.66 -1.62 -6.03
C LYS A 1059 -52.73 -0.56 -6.31
N HIS A 1060 -52.62 0.11 -7.46
CA HIS A 1060 -53.62 1.07 -7.91
C HIS A 1060 -53.85 2.17 -6.88
N LEU A 1061 -52.80 2.99 -6.70
CA LEU A 1061 -52.83 4.09 -5.75
C LEU A 1061 -53.84 5.12 -6.25
N THR A 1062 -55.12 4.94 -5.88
CA THR A 1062 -56.19 5.80 -6.38
C THR A 1062 -56.77 6.61 -5.23
N ALA A 1063 -56.67 7.92 -5.32
CA ALA A 1063 -57.21 8.85 -4.33
C ALA A 1063 -56.94 10.26 -4.84
N LEU A 1064 -57.66 11.23 -4.28
CA LEU A 1064 -57.52 12.63 -4.65
C LEU A 1064 -57.52 13.47 -3.39
N ILE A 1065 -56.42 14.19 -3.16
CA ILE A 1065 -56.26 15.04 -1.99
C ILE A 1065 -56.19 16.47 -2.51
N LYS A 1066 -57.32 17.17 -2.51
CA LYS A 1066 -57.40 18.50 -3.10
C LYS A 1066 -57.16 19.57 -2.04
N SER A 1067 -57.51 20.81 -2.36
CA SER A 1067 -57.05 21.98 -1.63
C SER A 1067 -57.09 21.83 -0.11
N GLN A 1068 -55.90 21.84 0.50
CA GLN A 1068 -55.71 21.96 1.95
C GLN A 1068 -56.79 21.22 2.74
N GLU A 1069 -56.93 19.93 2.43
CA GLU A 1069 -57.76 19.03 3.23
C GLU A 1069 -56.81 18.18 4.07
N LYS A 1070 -56.92 18.32 5.39
CA LYS A 1070 -55.95 17.72 6.32
C LYS A 1070 -56.18 16.21 6.36
N VAL A 1071 -55.47 15.51 5.47
CA VAL A 1071 -55.61 14.07 5.37
C VAL A 1071 -55.00 13.39 6.59
N GLY A 1072 -55.60 12.25 6.97
CA GLY A 1072 -55.04 11.37 7.96
C GLY A 1072 -54.73 10.00 7.38
N ILE A 1073 -54.40 9.08 8.27
CA ILE A 1073 -54.07 7.72 7.87
C ILE A 1073 -54.11 6.82 9.09
N VAL A 1074 -54.45 5.55 8.89
CA VAL A 1074 -54.41 4.54 9.94
C VAL A 1074 -53.90 3.25 9.31
N GLY A 1075 -52.86 2.67 9.89
CA GLY A 1075 -52.26 1.50 9.30
C GLY A 1075 -51.57 0.61 10.32
N ARG A 1076 -51.20 -0.58 9.85
CA ARG A 1076 -50.52 -1.59 10.64
C ARG A 1076 -49.05 -1.65 10.27
N THR A 1077 -48.36 -2.61 10.86
CA THR A 1077 -46.92 -2.78 10.62
C THR A 1077 -46.70 -3.79 9.50
N GLY A 1078 -45.96 -3.38 8.48
CA GLY A 1078 -45.59 -4.27 7.39
C GLY A 1078 -46.61 -4.39 6.28
N ALA A 1079 -47.70 -3.63 6.33
CA ALA A 1079 -48.76 -3.69 5.32
C ALA A 1079 -48.64 -2.59 4.28
N GLY A 1080 -47.44 -2.06 4.08
CA GLY A 1080 -47.22 -1.02 3.08
C GLY A 1080 -47.77 0.33 3.48
N LYS A 1081 -47.25 0.90 4.57
CA LYS A 1081 -47.66 2.22 5.01
C LYS A 1081 -46.65 3.31 4.68
N SER A 1082 -45.40 2.94 4.41
CA SER A 1082 -44.32 3.89 4.16
C SER A 1082 -43.78 3.79 2.74
N SER A 1083 -44.67 3.68 1.75
CA SER A 1083 -44.28 3.55 0.36
C SER A 1083 -44.68 4.73 -0.51
N LEU A 1084 -45.83 5.36 -0.24
CA LEU A 1084 -46.29 6.44 -1.11
C LEU A 1084 -45.38 7.66 -1.01
N ILE A 1085 -44.71 7.83 0.13
CA ILE A 1085 -43.77 8.94 0.25
C ILE A 1085 -42.58 8.73 -0.68
N SER A 1086 -42.23 7.46 -0.94
CA SER A 1086 -41.13 7.17 -1.85
C SER A 1086 -41.53 7.42 -3.30
N ALA A 1087 -42.83 7.34 -3.60
CA ALA A 1087 -43.30 7.59 -4.96
C ALA A 1087 -43.58 9.07 -5.21
N LEU A 1088 -44.02 9.80 -4.19
CA LEU A 1088 -44.23 11.24 -4.36
C LEU A 1088 -42.91 11.95 -4.62
N PHE A 1089 -41.86 11.56 -3.91
CA PHE A 1089 -40.51 12.07 -4.16
C PHE A 1089 -39.81 11.32 -5.28
N ARG A 1090 -40.52 10.44 -5.98
CA ARG A 1090 -39.98 9.66 -7.11
C ARG A 1090 -38.56 9.19 -6.82
N LEU A 1091 -38.39 8.51 -5.68
CA LEU A 1091 -37.13 7.85 -5.40
C LEU A 1091 -36.92 6.62 -6.27
N SER A 1092 -37.99 6.08 -6.84
CA SER A 1092 -37.93 4.95 -7.76
C SER A 1092 -39.12 5.10 -8.72
N GLU A 1093 -38.85 5.64 -9.91
CA GLU A 1093 -39.90 6.00 -10.86
C GLU A 1093 -40.85 4.83 -11.12
N PRO A 1094 -42.10 4.92 -10.69
CA PRO A 1094 -43.07 3.85 -10.96
C PRO A 1094 -43.85 4.10 -12.25
N GLU A 1095 -44.60 3.08 -12.64
CA GLU A 1095 -45.48 3.20 -13.80
C GLU A 1095 -46.70 4.07 -13.46
N GLY A 1096 -47.22 4.74 -14.48
CA GLY A 1096 -48.38 5.59 -14.33
C GLY A 1096 -47.99 7.06 -14.17
N LYS A 1097 -49.02 7.90 -14.06
CA LYS A 1097 -48.85 9.34 -13.94
C LYS A 1097 -49.70 9.87 -12.80
N ILE A 1098 -49.32 11.04 -12.28
CA ILE A 1098 -50.03 11.71 -11.21
C ILE A 1098 -49.97 13.21 -11.49
N TRP A 1099 -51.13 13.81 -11.73
CA TRP A 1099 -51.19 15.24 -12.02
C TRP A 1099 -51.14 16.05 -10.72
N ILE A 1100 -50.45 17.18 -10.77
CA ILE A 1100 -50.38 18.10 -9.64
C ILE A 1100 -50.41 19.52 -10.19
N ASP A 1101 -51.41 20.30 -9.76
CA ASP A 1101 -51.59 21.71 -10.11
C ASP A 1101 -51.12 22.00 -11.54
N LYS A 1102 -51.74 21.29 -12.48
CA LYS A 1102 -51.62 21.51 -13.92
C LYS A 1102 -50.36 20.91 -14.55
N ILE A 1103 -49.50 20.24 -13.78
CA ILE A 1103 -48.27 19.67 -14.31
C ILE A 1103 -48.09 18.26 -13.75
N LEU A 1104 -47.36 17.44 -14.50
CA LEU A 1104 -47.08 16.07 -14.09
C LEU A 1104 -45.88 16.03 -13.15
N THR A 1105 -45.52 14.82 -12.72
CA THR A 1105 -44.34 14.61 -11.89
C THR A 1105 -43.17 14.01 -12.65
N THR A 1106 -43.41 13.41 -13.81
CA THR A 1106 -42.34 12.84 -14.62
C THR A 1106 -41.83 13.80 -15.69
N GLU A 1107 -42.60 14.83 -16.03
CA GLU A 1107 -42.19 15.83 -17.00
C GLU A 1107 -41.39 16.97 -16.36
N ILE A 1108 -40.94 16.79 -15.13
CA ILE A 1108 -40.21 17.82 -14.41
C ILE A 1108 -38.97 17.21 -13.77
N GLY A 1109 -37.91 18.00 -13.66
CA GLY A 1109 -36.68 17.54 -13.07
C GLY A 1109 -36.87 17.12 -11.63
N LEU A 1110 -35.85 16.40 -11.12
CA LEU A 1110 -35.91 15.92 -9.75
C LEU A 1110 -35.86 17.05 -8.74
N HIS A 1111 -35.02 18.06 -9.00
CA HIS A 1111 -34.86 19.14 -8.04
C HIS A 1111 -36.04 20.10 -8.08
N ASP A 1112 -36.61 20.33 -9.27
CA ASP A 1112 -37.79 21.18 -9.37
C ASP A 1112 -39.01 20.56 -8.70
N LEU A 1113 -38.91 19.29 -8.28
CA LEU A 1113 -40.00 18.60 -7.61
C LEU A 1113 -39.74 18.36 -6.13
N ARG A 1114 -38.54 17.88 -5.78
CA ARG A 1114 -38.20 17.61 -4.40
C ARG A 1114 -37.94 18.87 -3.59
N LYS A 1115 -37.86 20.03 -4.25
CA LYS A 1115 -37.64 21.30 -3.55
C LYS A 1115 -38.92 22.00 -3.16
N LYS A 1116 -40.03 21.69 -3.82
CA LYS A 1116 -41.32 22.28 -3.52
C LYS A 1116 -42.12 21.46 -2.51
N MET A 1117 -41.45 20.62 -1.73
CA MET A 1117 -42.12 19.77 -0.75
C MET A 1117 -41.26 19.71 0.51
N SER A 1118 -41.94 19.60 1.65
CA SER A 1118 -41.28 19.53 2.95
C SER A 1118 -41.72 18.28 3.69
N ILE A 1119 -40.77 17.63 4.36
CA ILE A 1119 -41.00 16.39 5.07
C ILE A 1119 -40.40 16.50 6.47
N ILE A 1120 -41.09 15.94 7.45
CA ILE A 1120 -40.58 15.84 8.81
C ILE A 1120 -40.06 14.43 9.01
N PRO A 1121 -38.75 14.19 8.89
CA PRO A 1121 -38.24 12.82 8.98
C PRO A 1121 -38.50 12.22 10.36
N GLN A 1122 -38.51 10.89 10.39
CA GLN A 1122 -38.73 10.18 11.65
C GLN A 1122 -37.50 10.23 12.54
N GLU A 1123 -36.31 10.05 11.97
CA GLU A 1123 -35.08 10.06 12.74
C GLU A 1123 -34.34 11.37 12.50
N PRO A 1124 -34.33 12.30 13.45
CA PRO A 1124 -33.62 13.56 13.24
C PRO A 1124 -32.15 13.33 12.91
N VAL A 1125 -31.56 14.30 12.21
CA VAL A 1125 -30.16 14.23 11.79
C VAL A 1125 -29.61 15.66 11.77
N LEU A 1126 -28.43 15.83 12.37
CA LEU A 1126 -27.71 17.10 12.35
C LEU A 1126 -26.30 16.85 11.86
N PHE A 1127 -25.81 17.72 10.98
CA PHE A 1127 -24.50 17.56 10.37
C PHE A 1127 -23.45 18.37 11.11
N THR A 1128 -22.19 18.00 10.90
CA THR A 1128 -21.06 18.69 11.51
C THR A 1128 -20.96 20.11 10.97
N GLY A 1129 -21.23 21.10 11.82
CA GLY A 1129 -21.23 22.47 11.39
C GLY A 1129 -21.89 23.36 12.43
N THR A 1130 -22.26 24.56 11.99
CA THR A 1130 -22.89 25.54 12.85
C THR A 1130 -24.41 25.42 12.77
N MET A 1131 -25.09 26.16 13.64
CA MET A 1131 -26.54 26.26 13.57
C MET A 1131 -27.02 27.15 12.43
N ARG A 1132 -26.09 27.80 11.72
CA ARG A 1132 -26.44 28.64 10.59
C ARG A 1132 -26.31 27.89 9.27
N LYS A 1133 -25.26 27.08 9.12
CA LYS A 1133 -25.10 26.30 7.90
C LYS A 1133 -25.96 25.04 7.92
N ASN A 1134 -26.13 24.42 9.09
CA ASN A 1134 -26.98 23.24 9.19
C ASN A 1134 -28.46 23.54 9.00
N LEU A 1135 -28.85 24.81 9.11
CA LEU A 1135 -30.23 25.22 8.88
C LEU A 1135 -30.39 26.10 7.64
N ASP A 1136 -29.30 26.55 7.03
CA ASP A 1136 -29.38 27.38 5.84
C ASP A 1136 -28.05 27.32 5.10
N PRO A 1137 -27.72 26.20 4.46
CA PRO A 1137 -26.43 26.11 3.75
C PRO A 1137 -26.32 27.07 2.59
N PHE A 1138 -27.44 27.49 2.01
CA PHE A 1138 -27.45 28.47 0.92
C PHE A 1138 -27.77 29.84 1.52
N ASN A 1139 -26.89 30.80 1.26
CA ASN A 1139 -27.01 32.14 1.84
C ASN A 1139 -28.10 32.95 1.15
N GLU A 1140 -29.30 32.94 1.71
CA GLU A 1140 -30.40 33.74 1.17
C GLU A 1140 -31.24 34.43 2.25
N HIS A 1141 -31.06 34.10 3.53
CA HIS A 1141 -31.74 34.76 4.63
C HIS A 1141 -30.76 35.64 5.39
N THR A 1142 -31.31 36.58 6.18
CA THR A 1142 -30.52 37.47 7.02
C THR A 1142 -30.49 36.93 8.46
N ASP A 1143 -29.76 37.62 9.34
CA ASP A 1143 -29.59 37.10 10.69
C ASP A 1143 -30.87 37.25 11.51
N GLU A 1144 -31.52 38.41 11.47
CA GLU A 1144 -32.73 38.59 12.25
C GLU A 1144 -33.83 37.63 11.80
N GLU A 1145 -33.86 37.28 10.52
CA GLU A 1145 -34.86 36.32 10.06
C GLU A 1145 -34.61 34.95 10.65
N LEU A 1146 -33.34 34.57 10.80
CA LEU A 1146 -33.02 33.31 11.48
C LEU A 1146 -33.39 33.37 12.95
N TRP A 1147 -33.16 34.52 13.60
CA TRP A 1147 -33.57 34.67 14.99
C TRP A 1147 -35.08 34.49 15.13
N ASN A 1148 -35.85 35.06 14.21
CA ASN A 1148 -37.30 34.88 14.25
C ASN A 1148 -37.68 33.43 13.96
N ALA A 1149 -36.97 32.80 13.02
CA ALA A 1149 -37.20 31.38 12.78
C ALA A 1149 -37.08 30.59 14.07
N LEU A 1150 -36.04 30.89 14.85
CA LEU A 1150 -35.84 30.19 16.13
C LEU A 1150 -36.59 30.86 17.28
N GLN A 1151 -37.43 31.85 16.98
CA GLN A 1151 -38.27 32.46 18.01
C GLN A 1151 -39.38 31.51 18.45
N GLU A 1152 -40.08 30.90 17.48
CA GLU A 1152 -41.20 30.03 17.78
C GLU A 1152 -40.81 28.55 17.87
N VAL A 1153 -39.52 28.22 17.82
CA VAL A 1153 -39.06 26.85 17.96
C VAL A 1153 -38.94 26.44 19.42
N GLN A 1154 -39.35 27.31 20.34
CA GLN A 1154 -39.31 27.05 21.77
C GLN A 1154 -37.91 26.72 22.26
N LEU A 1155 -36.88 27.13 21.51
CA LEU A 1155 -35.49 26.83 21.87
C LEU A 1155 -34.63 27.99 21.40
N LYS A 1156 -34.43 28.97 22.29
CA LYS A 1156 -33.51 30.07 22.03
C LYS A 1156 -32.68 30.43 23.26
N GLU A 1157 -32.85 29.75 24.39
CA GLU A 1157 -32.05 30.06 25.57
C GLU A 1157 -30.70 29.36 25.50
N THR A 1158 -30.67 28.12 25.01
CA THR A 1158 -29.42 27.37 24.95
C THR A 1158 -28.44 28.01 23.98
N ILE A 1159 -28.93 28.58 22.88
CA ILE A 1159 -28.04 29.10 21.85
C ILE A 1159 -27.23 30.27 22.40
N GLU A 1160 -27.91 31.26 22.99
CA GLU A 1160 -27.24 32.50 23.38
C GLU A 1160 -26.25 32.27 24.52
N ASP A 1161 -26.46 31.24 25.33
CA ASP A 1161 -25.57 30.98 26.45
C ASP A 1161 -24.15 30.66 26.00
N LEU A 1162 -23.95 30.37 24.71
CA LEU A 1162 -22.64 30.06 24.17
C LEU A 1162 -22.00 31.31 23.57
N PRO A 1163 -20.69 31.27 23.32
CA PRO A 1163 -19.98 32.49 22.88
C PRO A 1163 -20.54 33.12 21.62
N GLY A 1164 -20.52 32.38 20.49
CA GLY A 1164 -20.99 32.95 19.25
C GLY A 1164 -22.50 33.01 19.16
N LYS A 1165 -23.18 32.10 19.84
CA LYS A 1165 -24.64 32.07 19.96
C LYS A 1165 -25.32 31.58 18.69
N MET A 1166 -24.59 31.50 17.58
CA MET A 1166 -25.09 30.76 16.42
C MET A 1166 -23.99 30.08 15.63
N ASP A 1167 -22.71 30.21 16.00
CA ASP A 1167 -21.60 29.79 15.17
C ASP A 1167 -20.66 28.80 15.86
N THR A 1168 -20.98 28.38 17.08
CA THR A 1168 -20.13 27.43 17.80
C THR A 1168 -20.52 26.02 17.35
N GLU A 1169 -19.86 25.56 16.28
CA GLU A 1169 -20.15 24.23 15.75
C GLU A 1169 -19.91 23.17 16.82
N LEU A 1170 -20.61 22.04 16.66
CA LEU A 1170 -20.55 20.95 17.60
C LEU A 1170 -19.81 19.76 17.00
N ALA A 1171 -19.62 18.74 17.83
CA ALA A 1171 -18.83 17.57 17.46
C ALA A 1171 -19.52 16.34 18.03
N GLU A 1172 -18.79 15.22 18.10
CA GLU A 1172 -19.28 13.97 18.68
C GLU A 1172 -20.63 13.58 18.09
N SER A 1173 -20.75 13.67 16.76
CA SER A 1173 -21.93 13.19 16.03
C SER A 1173 -23.20 13.77 16.62
N GLY A 1174 -23.13 15.04 17.04
CA GLY A 1174 -24.29 15.68 17.63
C GLY A 1174 -24.76 15.08 18.93
N SER A 1175 -23.90 14.32 19.62
CA SER A 1175 -24.29 13.73 20.90
C SER A 1175 -24.56 14.78 21.96
N ASN A 1176 -24.19 16.04 21.73
CA ASN A 1176 -24.49 17.11 22.68
C ASN A 1176 -25.99 17.29 22.88
N PHE A 1177 -26.80 16.79 21.96
CA PHE A 1177 -28.25 16.93 22.01
C PHE A 1177 -28.90 15.55 22.06
N SER A 1178 -30.22 15.54 22.12
CA SER A 1178 -30.99 14.30 22.16
C SER A 1178 -32.10 14.30 21.11
N VAL A 1179 -32.97 13.30 21.15
CA VAL A 1179 -34.02 13.20 20.15
C VAL A 1179 -34.91 14.44 20.18
N GLY A 1180 -35.19 14.96 21.37
CA GLY A 1180 -36.09 16.09 21.52
C GLY A 1180 -35.67 17.33 20.76
N GLN A 1181 -34.56 17.93 21.18
CA GLN A 1181 -34.10 19.16 20.52
C GLN A 1181 -33.65 18.92 19.09
N ARG A 1182 -33.29 17.69 18.73
CA ARG A 1182 -32.96 17.40 17.34
C ARG A 1182 -34.22 17.45 16.47
N GLN A 1183 -35.31 16.86 16.96
CA GLN A 1183 -36.59 17.00 16.25
C GLN A 1183 -37.04 18.46 16.26
N LEU A 1184 -36.70 19.21 17.31
CA LEU A 1184 -36.95 20.65 17.29
C LEU A 1184 -36.18 21.33 16.17
N VAL A 1185 -34.93 20.92 15.96
CA VAL A 1185 -34.14 21.45 14.86
C VAL A 1185 -34.79 21.13 13.53
N CYS A 1186 -35.31 19.90 13.39
CA CYS A 1186 -35.98 19.53 12.14
C CYS A 1186 -37.23 20.38 11.92
N LEU A 1187 -38.00 20.61 12.98
CA LEU A 1187 -39.18 21.46 12.87
C LEU A 1187 -38.78 22.89 12.53
N ALA A 1188 -37.65 23.35 13.05
CA ALA A 1188 -37.17 24.69 12.69
C ALA A 1188 -36.79 24.75 11.21
N ARG A 1189 -36.15 23.71 10.70
CA ARG A 1189 -35.89 23.62 9.27
C ARG A 1189 -37.19 23.75 8.48
N ALA A 1190 -38.18 22.92 8.83
CA ALA A 1190 -39.44 22.93 8.11
C ALA A 1190 -40.09 24.31 8.16
N ILE A 1191 -40.06 24.96 9.32
CA ILE A 1191 -40.68 26.28 9.45
C ILE A 1191 -39.95 27.29 8.59
N LEU A 1192 -38.62 27.34 8.70
CA LEU A 1192 -37.84 28.31 7.93
C LEU A 1192 -38.05 28.10 6.43
N ARG A 1193 -38.28 26.87 5.99
CA ARG A 1193 -38.48 26.63 4.56
C ARG A 1193 -39.75 27.31 4.07
N LYS A 1194 -40.83 27.22 4.83
CA LYS A 1194 -42.11 27.85 4.48
C LYS A 1194 -42.61 27.35 3.13
N ASN A 1195 -42.93 26.06 3.09
CA ASN A 1195 -43.46 25.41 1.90
C ASN A 1195 -44.98 25.23 2.04
N GLN A 1196 -45.62 24.84 0.94
CA GLN A 1196 -47.06 24.62 0.93
C GLN A 1196 -47.40 23.20 1.37
N ILE A 1197 -46.90 22.21 0.67
CA ILE A 1197 -47.16 20.80 1.00
C ILE A 1197 -46.27 20.40 2.16
N LEU A 1198 -46.76 19.47 2.98
CA LEU A 1198 -46.03 19.01 4.15
C LEU A 1198 -46.40 17.56 4.43
N ILE A 1199 -45.37 16.74 4.66
CA ILE A 1199 -45.54 15.31 4.96
C ILE A 1199 -44.87 15.05 6.29
N ILE A 1200 -45.67 14.78 7.32
CA ILE A 1200 -45.17 14.48 8.66
C ILE A 1200 -45.27 12.99 8.88
N ASP A 1201 -44.20 12.37 9.39
CA ASP A 1201 -44.16 10.96 9.71
C ASP A 1201 -43.31 10.77 10.95
N GLU A 1202 -43.94 10.57 12.10
CA GLU A 1202 -43.26 10.40 13.36
C GLU A 1202 -43.65 9.06 13.98
N ALA A 1203 -42.67 8.34 14.49
CA ALA A 1203 -42.91 7.03 15.10
C ALA A 1203 -41.79 6.66 16.06
N THR A 1211 -42.13 16.92 24.82
CA THR A 1211 -41.72 17.09 23.43
C THR A 1211 -42.89 16.86 22.48
N ASP A 1212 -43.66 15.79 22.71
CA ASP A 1212 -44.77 15.47 21.82
C ASP A 1212 -45.82 16.57 21.84
N GLU A 1213 -46.24 17.00 23.04
CA GLU A 1213 -47.18 18.11 23.13
C GLU A 1213 -46.64 19.36 22.46
N LEU A 1214 -45.36 19.66 22.70
CA LEU A 1214 -44.74 20.84 22.10
C LEU A 1214 -44.91 20.82 20.59
N ILE A 1215 -44.40 19.76 19.95
CA ILE A 1215 -44.47 19.67 18.49
C ILE A 1215 -45.92 19.68 18.02
N GLN A 1216 -46.77 18.87 18.66
CA GLN A 1216 -48.17 18.78 18.25
C GLN A 1216 -48.82 20.15 18.20
N LYS A 1217 -48.85 20.84 19.34
CA LYS A 1217 -49.54 22.12 19.40
C LYS A 1217 -48.88 23.14 18.49
N LYS A 1218 -47.54 23.15 18.43
CA LYS A 1218 -46.88 24.22 17.69
C LYS A 1218 -47.05 24.05 16.18
N ILE A 1219 -47.08 22.81 15.68
CA ILE A 1219 -47.34 22.61 14.26
C ILE A 1219 -48.82 22.83 13.96
N ARG A 1220 -49.72 22.47 14.89
CA ARG A 1220 -51.13 22.79 14.68
C ARG A 1220 -51.35 24.29 14.61
N GLU A 1221 -50.51 25.07 15.30
CA GLU A 1221 -50.66 26.52 15.31
C GLU A 1221 -49.99 27.17 14.09
N LYS A 1222 -48.70 26.92 13.89
CA LYS A 1222 -47.92 27.71 12.96
C LYS A 1222 -48.42 27.56 11.52
N PHE A 1223 -48.34 26.34 10.98
CA PHE A 1223 -48.58 26.13 9.56
C PHE A 1223 -49.93 26.68 9.14
N ALA A 1224 -49.93 27.49 8.07
CA ALA A 1224 -51.13 28.17 7.60
C ALA A 1224 -52.02 27.21 6.82
N HIS A 1225 -52.53 26.21 7.55
CA HIS A 1225 -53.49 25.24 7.04
C HIS A 1225 -53.20 24.84 5.60
N CYS A 1226 -52.02 24.26 5.39
CA CYS A 1226 -51.53 23.95 4.05
C CYS A 1226 -51.26 22.46 3.91
N THR A 1227 -52.32 21.71 3.56
CA THR A 1227 -52.21 20.35 3.04
C THR A 1227 -51.22 19.50 3.82
N VAL A 1228 -51.58 19.21 5.06
CA VAL A 1228 -50.81 18.32 5.92
C VAL A 1228 -51.11 16.88 5.53
N LEU A 1229 -50.07 16.05 5.43
CA LEU A 1229 -50.21 14.61 5.30
C LEU A 1229 -49.52 13.96 6.49
N THR A 1230 -50.31 13.51 7.47
CA THR A 1230 -49.78 12.95 8.70
C THR A 1230 -49.80 11.43 8.63
N ILE A 1231 -48.71 10.81 9.07
CA ILE A 1231 -48.58 9.36 9.11
C ILE A 1231 -48.01 8.98 10.47
N ALA A 1232 -48.77 8.19 11.23
CA ALA A 1232 -48.35 7.74 12.54
C ALA A 1232 -48.91 6.35 12.79
N HIS A 1233 -48.31 5.66 13.76
CA HIS A 1233 -48.76 4.33 14.15
C HIS A 1233 -49.80 4.36 15.26
N ARG A 1234 -49.94 5.48 15.96
CA ARG A 1234 -50.93 5.64 17.02
C ARG A 1234 -52.12 6.40 16.44
N LEU A 1235 -53.25 5.70 16.30
CA LEU A 1235 -54.41 6.31 15.66
C LEU A 1235 -54.94 7.48 16.49
N ASN A 1236 -54.81 7.40 17.82
CA ASN A 1236 -55.30 8.47 18.68
C ASN A 1236 -54.55 9.78 18.48
N THR A 1237 -53.45 9.77 17.72
CA THR A 1237 -52.80 11.02 17.35
C THR A 1237 -53.74 11.96 16.59
N ILE A 1238 -54.86 11.44 16.08
CA ILE A 1238 -55.85 12.26 15.40
C ILE A 1238 -56.82 12.82 16.42
N ILE A 1239 -57.16 14.10 16.26
CA ILE A 1239 -58.10 14.79 17.14
C ILE A 1239 -59.07 15.54 16.24
N ASP A 1240 -60.22 14.95 15.97
CA ASP A 1240 -61.28 15.60 15.19
C ASP A 1240 -60.73 16.18 13.89
N SER A 1241 -60.08 15.32 13.11
CA SER A 1241 -59.48 15.75 11.85
C SER A 1241 -60.55 15.96 10.78
N ASP A 1242 -60.09 16.39 9.60
CA ASP A 1242 -61.00 16.67 8.50
C ASP A 1242 -61.32 15.40 7.69
N LYS A 1243 -60.31 14.59 7.40
CA LYS A 1243 -60.47 13.43 6.53
C LYS A 1243 -59.52 12.34 7.00
N ILE A 1244 -60.00 11.08 7.00
CA ILE A 1244 -59.24 9.96 7.52
C ILE A 1244 -59.36 8.77 6.57
N MET A 1245 -58.34 7.91 6.63
CA MET A 1245 -58.27 6.72 5.80
C MET A 1245 -57.77 5.55 6.64
N VAL A 1246 -57.94 4.33 6.12
CA VAL A 1246 -57.39 3.14 6.74
C VAL A 1246 -56.44 2.47 5.75
N LEU A 1247 -55.77 1.42 6.23
CA LEU A 1247 -54.81 0.68 5.43
C LEU A 1247 -55.30 -0.75 5.21
N ASP A 1248 -55.41 -1.15 3.95
CA ASP A 1248 -55.50 -2.54 3.56
C ASP A 1248 -54.10 -3.04 3.23
N SER A 1249 -53.99 -4.21 2.58
CA SER A 1249 -52.70 -4.72 2.17
C SER A 1249 -52.22 -4.13 0.85
N GLY A 1250 -52.67 -2.93 0.50
CA GLY A 1250 -52.30 -2.31 -0.76
C GLY A 1250 -53.39 -1.42 -1.34
N ARG A 1251 -54.57 -1.44 -0.74
CA ARG A 1251 -55.69 -0.59 -1.15
C ARG A 1251 -56.21 0.19 0.05
N LEU A 1252 -57.32 0.91 -0.15
CA LEU A 1252 -57.84 1.86 0.80
C LEU A 1252 -59.34 1.70 0.96
N LYS A 1253 -59.82 2.08 2.14
CA LYS A 1253 -61.25 2.09 2.49
C LYS A 1253 -61.52 3.42 3.20
N GLU A 1254 -62.00 4.41 2.48
CA GLU A 1254 -62.12 5.75 3.03
C GLU A 1254 -63.31 6.50 2.43
N TYR A 1255 -63.78 7.50 3.15
CA TYR A 1255 -64.66 8.52 2.62
C TYR A 1255 -64.50 9.78 3.47
N ASP A 1256 -65.47 10.70 3.39
CA ASP A 1256 -65.32 12.04 3.94
C ASP A 1256 -64.62 12.04 5.30
N GLU A 1257 -65.20 11.36 6.28
CA GLU A 1257 -64.69 11.35 7.64
C GLU A 1257 -64.90 10.00 8.27
N PRO A 1258 -64.18 9.68 9.35
CA PRO A 1258 -64.29 8.33 9.94
C PRO A 1258 -65.55 8.11 10.75
N TYR A 1259 -66.28 9.17 11.11
CA TYR A 1259 -67.50 9.01 11.89
C TYR A 1259 -68.55 8.17 11.17
N VAL A 1260 -68.38 7.91 9.88
CA VAL A 1260 -69.34 7.06 9.16
C VAL A 1260 -69.34 5.66 9.74
N LEU A 1261 -68.16 5.03 9.80
CA LEU A 1261 -68.04 3.69 10.34
C LEU A 1261 -67.78 3.72 11.84
N LEU A 1262 -66.69 4.37 12.25
CA LEU A 1262 -66.36 4.48 13.68
C LEU A 1262 -67.43 5.26 14.42
#